data_9M5O
#
_entry.id   9M5O
#
_cell.length_a   140.253
_cell.length_b   140.253
_cell.length_c   267.611
_cell.angle_alpha   90.00
_cell.angle_beta   90.00
_cell.angle_gamma   120.00
#
_symmetry.space_group_name_H-M   'P 61 2 2'
#
loop_
_entity.id
_entity.type
_entity.pdbx_description
1 polymer 'aspartate--tRNA ligase'
2 non-polymer "5'-O-(L-alpha-aspartylsulfamoyl)adenosine"
3 non-polymer 'MAGNESIUM ION'
4 water water
#
_entity_poly.entity_id   1
_entity_poly.type   'polypeptide(L)'
_entity_poly.pdbx_seq_one_letter_code
;AERENLKNEATKVLEHVCEDINKESYGFVKISKMKENEKEIRLFNLEEIYHSLMKVGGSGATDGGKREDDAASHSVVAES
NGAHLLQSDIWVRGRIHDIRSKGSLAFIILRHKLYSMQCILDIKHNDNDKNMMKWVSNLPLESIVDIKGKLSKPEVPIDS
TNIKYEAHIRKIFCISKTAKELPFLLKDANMKETNEEGSIKVNQDNRLNNRCVDLRTYANYSIFCLQSQICTIFKNFLLE
NNFIEIHTPKLLGESSEGGANAFQINYFNQKGFLAQSPQLYKQMCINSGFDRVFEVAPVFRAENSNTYRHLCEYVSLDVE
MTYKYDYLENVHFYDSMFKHIFTELSKGGKNEMLIKTVKGQYPCEDFQWLEETPIFTYEEAIKMLIQHGKLHLKEEEILA
YDMSTDMEKELGKIVKASHHTDYYIIINFPSALRPFYTMYKEDEPAISNSYDFFMRGEEILSGSQRISDVNLLLENIKRF
NLDANKLNFYIDSFAYSSYPHSGCGIGLERVLMLFLGLNNIRKTSLFPRDPKRLIP
;
_entity_poly.pdbx_strand_id   A,B
#
loop_
_chem_comp.id
_chem_comp.type
_chem_comp.name
_chem_comp.formula
DSZ non-polymer 5'-O-(L-alpha-aspartylsulfamoyl)adenosine 'C14 H19 N7 O9 S'
MG non-polymer 'MAGNESIUM ION' 'Mg 2'
#
# COMPACT_ATOMS: atom_id res chain seq x y z
N GLU A 4 13.69 -20.48 56.89
CA GLU A 4 13.57 -19.84 55.59
C GLU A 4 12.32 -20.29 54.85
N ASN A 5 11.55 -21.23 55.41
CA ASN A 5 10.28 -21.62 54.82
C ASN A 5 9.38 -20.42 54.59
N LEU A 6 9.52 -19.38 55.41
CA LEU A 6 8.74 -18.16 55.22
C LEU A 6 8.99 -17.56 53.84
N LYS A 7 10.25 -17.52 53.40
CA LYS A 7 10.57 -17.00 52.07
C LYS A 7 9.95 -17.85 50.97
N ASN A 8 9.85 -19.17 51.17
CA ASN A 8 9.29 -20.00 50.12
C ASN A 8 7.77 -19.87 50.06
N GLU A 9 7.11 -19.68 51.21
CA GLU A 9 5.69 -19.34 51.19
C GLU A 9 5.46 -18.01 50.48
N ALA A 10 6.30 -17.00 50.78
CA ALA A 10 6.20 -15.74 50.08
C ALA A 10 6.37 -15.92 48.58
N THR A 11 7.34 -16.76 48.18
CA THR A 11 7.51 -17.05 46.75
C THR A 11 6.26 -17.64 46.16
N LYS A 12 5.62 -18.57 46.88
CA LYS A 12 4.38 -19.15 46.39
C LYS A 12 3.32 -18.07 46.12
N VAL A 13 3.24 -17.06 47.01
CA VAL A 13 2.27 -15.99 46.81
C VAL A 13 2.63 -15.15 45.59
N LEU A 14 3.91 -14.76 45.48
CA LEU A 14 4.33 -13.89 44.38
C LEU A 14 4.13 -14.53 43.03
N GLU A 15 4.24 -15.85 42.96
CA GLU A 15 4.12 -16.59 41.71
C GLU A 15 2.72 -17.17 41.51
N HIS A 16 1.75 -16.78 42.33
CA HIS A 16 0.48 -17.50 42.38
C HIS A 16 -0.22 -17.55 41.02
N VAL A 17 -0.57 -18.76 40.60
CA VAL A 17 -1.38 -18.98 39.41
C VAL A 17 -2.80 -19.23 39.88
N CYS A 18 -3.73 -18.42 39.39
CA CYS A 18 -5.12 -18.53 39.80
C CYS A 18 -5.78 -19.65 39.01
N GLU A 19 -6.47 -20.54 39.71
CA GLU A 19 -7.10 -21.68 39.07
C GLU A 19 -8.62 -21.60 39.01
N ASP A 20 -9.24 -20.63 39.68
CA ASP A 20 -10.67 -20.41 39.51
C ASP A 20 -10.94 -18.93 39.74
N ILE A 21 -11.17 -18.18 38.66
CA ILE A 21 -11.33 -16.75 38.80
C ILE A 21 -12.66 -16.37 39.42
N ASN A 22 -13.57 -17.35 39.62
CA ASN A 22 -14.80 -17.07 40.33
C ASN A 22 -14.57 -17.04 41.84
N LYS A 23 -13.67 -17.90 42.34
CA LYS A 23 -13.37 -17.92 43.77
C LYS A 23 -12.30 -16.90 44.15
N GLU A 24 -11.37 -16.61 43.23
CA GLU A 24 -10.16 -15.87 43.54
C GLU A 24 -10.24 -14.46 42.98
N SER A 25 -9.40 -13.57 43.54
CA SER A 25 -9.39 -12.17 43.15
C SER A 25 -8.08 -11.70 42.52
N TYR A 26 -7.06 -12.56 42.44
CA TYR A 26 -5.78 -12.16 41.86
C TYR A 26 -5.02 -13.41 41.45
N GLY A 27 -4.04 -13.21 40.58
CA GLY A 27 -3.15 -14.28 40.16
C GLY A 27 -2.82 -14.26 38.68
N PHE A 28 -1.80 -15.01 38.29
CA PHE A 28 -1.52 -15.22 36.87
C PHE A 28 -2.54 -16.22 36.33
N VAL A 29 -3.04 -15.94 35.13
CA VAL A 29 -4.08 -16.78 34.55
C VAL A 29 -3.78 -17.02 33.08
N LYS A 30 -4.08 -18.23 32.62
CA LYS A 30 -4.15 -18.48 31.19
C LYS A 30 -5.48 -17.96 30.66
N ILE A 31 -5.46 -17.45 29.41
CA ILE A 31 -6.68 -16.90 28.82
C ILE A 31 -7.80 -17.94 28.82
N SER A 32 -7.43 -19.22 28.70
CA SER A 32 -8.42 -20.29 28.74
CA SER A 32 -8.42 -20.29 28.73
C SER A 32 -9.21 -20.28 30.05
N LYS A 33 -8.57 -19.90 31.15
CA LYS A 33 -9.27 -19.98 32.44
C LYS A 33 -10.24 -18.84 32.66
N MET A 34 -10.13 -17.74 31.90
CA MET A 34 -11.20 -16.76 31.95
C MET A 34 -12.44 -17.27 31.23
N LYS A 35 -12.28 -18.34 30.44
CA LYS A 35 -13.42 -19.04 29.87
C LYS A 35 -14.23 -19.74 30.95
N GLU A 36 -13.58 -20.12 32.05
CA GLU A 36 -14.23 -20.77 33.17
C GLU A 36 -15.06 -19.80 34.01
N ASN A 37 -15.06 -18.50 33.70
CA ASN A 37 -15.87 -17.57 34.47
C ASN A 37 -17.34 -17.92 34.34
N GLU A 38 -18.08 -17.76 35.45
CA GLU A 38 -19.48 -18.13 35.47
C GLU A 38 -20.29 -17.33 34.45
N LYS A 39 -19.89 -16.08 34.20
CA LYS A 39 -20.53 -15.24 33.19
C LYS A 39 -19.56 -14.97 32.05
N GLU A 40 -20.11 -14.76 30.85
CA GLU A 40 -19.30 -14.24 29.77
C GLU A 40 -18.86 -12.83 30.12
N ILE A 41 -17.65 -12.46 29.71
CA ILE A 41 -17.05 -11.19 30.12
C ILE A 41 -17.13 -10.23 28.94
N ARG A 42 -17.77 -9.08 29.18
CA ARG A 42 -17.66 -7.95 28.27
C ARG A 42 -16.40 -7.18 28.68
N LEU A 43 -15.34 -7.35 27.93
CA LEU A 43 -14.06 -6.76 28.26
C LEU A 43 -13.90 -5.42 27.54
N PHE A 44 -13.69 -4.35 28.30
CA PHE A 44 -13.48 -3.04 27.71
C PHE A 44 -12.00 -2.76 27.50
N ASN A 45 -11.71 -1.92 26.52
CA ASN A 45 -10.39 -1.31 26.40
C ASN A 45 -10.50 0.16 26.76
N LEU A 46 -9.33 0.80 26.95
CA LEU A 46 -9.34 2.17 27.44
C LEU A 46 -9.78 3.17 26.39
N GLU A 47 -9.64 2.85 25.09
CA GLU A 47 -10.18 3.73 24.05
C GLU A 47 -11.69 3.85 24.16
N GLU A 48 -12.38 2.72 24.31
CA GLU A 48 -13.83 2.75 24.50
C GLU A 48 -14.21 3.55 25.73
N ILE A 49 -13.48 3.37 26.83
CA ILE A 49 -13.81 4.06 28.07
C ILE A 49 -13.64 5.57 27.89
N TYR A 50 -12.52 5.96 27.27
CA TYR A 50 -12.26 7.39 27.04
C TYR A 50 -13.36 8.00 26.19
N HIS A 51 -13.75 7.34 25.10
CA HIS A 51 -14.72 7.95 24.21
C HIS A 51 -16.12 7.92 24.78
N SER A 52 -16.46 6.94 25.63
CA SER A 52 -17.77 6.95 26.24
C SER A 52 -17.88 7.96 27.37
N LEU A 53 -16.78 8.22 28.10
CA LEU A 53 -16.87 9.07 29.29
C LEU A 53 -16.29 10.46 29.14
N MET A 54 -15.47 10.72 28.13
CA MET A 54 -14.79 12.01 28.03
C MET A 54 -15.29 12.87 26.87
N ALA A 83 -22.93 5.35 30.69
CA ALA A 83 -23.83 4.94 31.77
C ALA A 83 -23.69 3.45 32.06
N HIS A 84 -23.59 2.66 30.98
CA HIS A 84 -23.30 1.24 31.10
C HIS A 84 -21.95 0.99 31.77
N LEU A 85 -21.06 1.99 31.79
CA LEU A 85 -19.75 1.85 32.43
C LEU A 85 -19.77 2.27 33.89
N LEU A 86 -20.77 3.04 34.29
CA LEU A 86 -20.80 3.55 35.61
C LEU A 86 -21.70 2.86 36.55
N GLN A 87 -22.54 2.01 36.04
CA GLN A 87 -23.44 1.33 36.88
C GLN A 87 -22.97 0.23 37.74
N SER A 88 -22.12 -0.65 37.23
CA SER A 88 -21.66 -1.79 37.97
C SER A 88 -20.21 -2.07 37.77
N ASP A 89 -19.75 -3.15 38.33
CA ASP A 89 -18.37 -3.54 38.07
C ASP A 89 -18.23 -3.87 36.60
N ILE A 90 -17.13 -3.42 36.01
CA ILE A 90 -16.80 -3.75 34.62
C ILE A 90 -15.44 -4.45 34.61
N TRP A 91 -15.12 -5.01 33.45
CA TRP A 91 -13.82 -5.60 33.19
C TRP A 91 -13.06 -4.75 32.18
N VAL A 92 -11.77 -4.50 32.44
CA VAL A 92 -10.95 -3.69 31.56
C VAL A 92 -9.57 -4.32 31.44
N ARG A 93 -8.99 -4.30 30.25
CA ARG A 93 -7.65 -4.82 30.04
C ARG A 93 -6.71 -3.65 29.79
N GLY A 94 -5.44 -3.80 30.21
CA GLY A 94 -4.46 -2.80 29.82
C GLY A 94 -3.07 -3.19 30.27
N ARG A 95 -2.08 -2.39 29.84
CA ARG A 95 -0.70 -2.57 30.30
C ARG A 95 -0.42 -1.73 31.52
N ILE A 96 0.40 -2.25 32.44
CA ILE A 96 0.78 -1.50 33.62
C ILE A 96 1.83 -0.48 33.22
N HIS A 97 1.37 0.75 32.99
CA HIS A 97 2.26 1.87 32.67
C HIS A 97 3.07 2.29 33.88
N ASP A 98 2.46 2.24 35.07
CA ASP A 98 3.12 2.67 36.29
C ASP A 98 2.41 1.99 37.44
N ILE A 99 3.17 1.68 38.48
CA ILE A 99 2.56 1.11 39.68
C ILE A 99 3.29 1.67 40.88
N ARG A 100 2.55 2.23 41.78
CA ARG A 100 3.06 2.78 43.02
C ARG A 100 2.44 2.13 44.25
N SER A 101 3.22 1.45 45.05
CA SER A 101 2.72 0.89 46.27
C SER A 101 2.81 1.91 47.39
N LYS A 102 1.73 2.08 48.09
CA LYS A 102 1.61 2.96 49.19
C LYS A 102 0.91 2.30 50.39
N GLY A 103 1.56 1.31 50.98
CA GLY A 103 1.01 0.64 52.11
C GLY A 103 -0.21 -0.17 51.81
N SER A 104 -1.31 0.18 52.42
CA SER A 104 -2.57 -0.53 52.20
C SER A 104 -3.22 -0.15 50.88
N LEU A 105 -2.62 0.79 50.14
CA LEU A 105 -3.09 1.20 48.83
C LEU A 105 -2.01 0.91 47.80
N ALA A 106 -2.45 0.58 46.59
CA ALA A 106 -1.60 0.50 45.42
C ALA A 106 -2.26 1.23 44.26
N PHE A 107 -1.47 1.96 43.48
CA PHE A 107 -1.96 2.76 42.36
C PHE A 107 -1.35 2.22 41.09
N ILE A 108 -2.19 1.80 40.16
CA ILE A 108 -1.78 1.30 38.85
C ILE A 108 -2.29 2.26 37.80
N ILE A 109 -1.42 2.72 36.92
CA ILE A 109 -1.87 3.42 35.72
C ILE A 109 -1.92 2.39 34.61
N LEU A 110 -3.12 2.14 34.07
CA LEU A 110 -3.26 1.32 32.88
C LEU A 110 -3.13 2.17 31.63
N ARG A 111 -2.51 1.59 30.60
CA ARG A 111 -2.30 2.26 29.33
C ARG A 111 -2.80 1.38 28.19
N HIS A 112 -3.36 2.05 27.18
CA HIS A 112 -3.80 1.44 25.92
C HIS A 112 -3.73 2.54 24.86
N LYS A 113 -2.93 2.34 23.82
CA LYS A 113 -2.72 3.36 22.80
C LYS A 113 -2.31 4.70 23.42
N LEU A 114 -3.15 5.72 23.26
CA LEU A 114 -2.98 7.07 23.78
C LEU A 114 -3.55 7.26 25.18
N TYR A 115 -4.27 6.27 25.69
CA TYR A 115 -5.18 6.47 26.81
C TYR A 115 -4.62 5.83 28.08
N SER A 116 -4.82 6.48 29.20
CA SER A 116 -4.36 5.94 30.47
C SER A 116 -5.43 6.21 31.51
N MET A 117 -5.51 5.32 32.48
CA MET A 117 -6.52 5.42 33.54
C MET A 117 -5.92 4.90 34.85
N GLN A 118 -6.21 5.59 35.95
CA GLN A 118 -5.74 5.13 37.25
C GLN A 118 -6.70 4.11 37.85
N CYS A 119 -6.13 3.04 38.41
CA CYS A 119 -6.82 1.97 39.11
C CYS A 119 -6.22 1.84 40.50
N ILE A 120 -7.07 1.71 41.51
CA ILE A 120 -6.65 1.75 42.90
C ILE A 120 -7.04 0.44 43.57
N LEU A 121 -6.07 -0.21 44.19
CA LEU A 121 -6.32 -1.36 45.03
C LEU A 121 -6.24 -0.90 46.48
N ASP A 122 -7.35 -1.06 47.22
CA ASP A 122 -7.43 -0.69 48.63
C ASP A 122 -7.66 -1.97 49.41
N ILE A 123 -6.66 -2.39 50.20
CA ILE A 123 -6.71 -3.69 50.86
C ILE A 123 -7.96 -3.80 51.73
N LYS A 124 -8.41 -2.68 52.31
CA LYS A 124 -9.55 -2.70 53.21
C LYS A 124 -10.84 -3.09 52.48
N HIS A 125 -10.90 -2.91 51.17
CA HIS A 125 -12.07 -3.29 50.38
C HIS A 125 -11.98 -4.70 49.82
N ASN A 126 -10.91 -5.43 50.11
CA ASN A 126 -10.69 -6.77 49.57
C ASN A 126 -10.40 -7.76 50.69
N ASP A 127 -11.24 -7.71 51.73
CA ASP A 127 -11.18 -8.63 52.87
C ASP A 127 -9.83 -8.56 53.58
N ASN A 128 -9.11 -7.44 53.43
CA ASN A 128 -7.81 -7.26 54.07
C ASN A 128 -6.82 -8.34 53.66
N ASP A 129 -6.84 -8.73 52.39
CA ASP A 129 -5.97 -9.78 51.87
C ASP A 129 -4.59 -9.18 51.61
N LYS A 130 -3.68 -9.39 52.57
CA LYS A 130 -2.31 -8.92 52.42
C LYS A 130 -1.57 -9.65 51.30
N ASN A 131 -1.92 -10.91 51.02
CA ASN A 131 -1.25 -11.62 49.93
C ASN A 131 -1.64 -11.06 48.57
N MET A 132 -2.88 -10.62 48.42
CA MET A 132 -3.27 -9.94 47.18
C MET A 132 -2.39 -8.72 46.94
N MET A 133 -2.20 -7.90 47.98
CA MET A 133 -1.37 -6.71 47.84
CA MET A 133 -1.36 -6.71 47.86
C MET A 133 0.07 -7.09 47.52
N LYS A 134 0.60 -8.12 48.20
CA LYS A 134 1.97 -8.55 47.92
C LYS A 134 2.12 -8.98 46.46
N TRP A 135 1.14 -9.73 45.95
CA TRP A 135 1.20 -10.17 44.57
C TRP A 135 1.09 -8.99 43.61
N VAL A 136 0.23 -8.01 43.92
CA VAL A 136 0.05 -6.88 43.01
C VAL A 136 1.30 -6.00 42.97
N SER A 137 1.85 -5.66 44.14
CA SER A 137 3.04 -4.83 44.22
C SER A 137 4.20 -5.42 43.42
N ASN A 138 4.24 -6.74 43.30
CA ASN A 138 5.33 -7.43 42.63
C ASN A 138 5.17 -7.48 41.12
N LEU A 139 4.05 -7.02 40.57
CA LEU A 139 3.85 -7.09 39.12
C LEU A 139 4.81 -6.14 38.41
N PRO A 140 5.51 -6.59 37.38
CA PRO A 140 6.44 -5.69 36.69
C PRO A 140 5.73 -4.78 35.69
N LEU A 141 6.34 -3.61 35.47
CA LEU A 141 5.84 -2.66 34.48
C LEU A 141 5.68 -3.34 33.13
N GLU A 142 4.66 -2.90 32.38
CA GLU A 142 4.26 -3.29 31.05
C GLU A 142 3.49 -4.61 31.06
N SER A 143 3.36 -5.28 32.19
CA SER A 143 2.55 -6.49 32.27
C SER A 143 1.11 -6.17 31.84
N ILE A 144 0.45 -7.14 31.23
CA ILE A 144 -0.93 -6.97 30.78
C ILE A 144 -1.85 -7.62 31.80
N VAL A 145 -2.83 -6.86 32.29
CA VAL A 145 -3.75 -7.34 33.30
C VAL A 145 -5.19 -7.08 32.85
N ASP A 146 -6.06 -7.98 33.30
CA ASP A 146 -7.50 -7.79 33.27
C ASP A 146 -7.94 -7.44 34.68
N ILE A 147 -8.63 -6.32 34.82
CA ILE A 147 -9.09 -5.82 36.10
C ILE A 147 -10.60 -5.80 36.10
N LYS A 148 -11.20 -6.32 37.17
CA LYS A 148 -12.60 -6.12 37.45
C LYS A 148 -12.75 -5.06 38.53
N GLY A 149 -13.41 -3.96 38.20
CA GLY A 149 -13.55 -2.91 39.18
C GLY A 149 -14.69 -1.96 38.88
N LYS A 150 -14.84 -0.99 39.76
CA LYS A 150 -15.92 -0.01 39.68
C LYS A 150 -15.33 1.35 39.33
N LEU A 151 -15.90 1.99 38.31
CA LEU A 151 -15.44 3.31 37.89
C LEU A 151 -16.13 4.41 38.69
N SER A 152 -15.37 5.45 39.01
CA SER A 152 -15.93 6.60 39.71
C SER A 152 -15.08 7.83 39.39
N LYS A 153 -15.68 9.01 39.53
CA LYS A 153 -14.98 10.23 39.21
C LYS A 153 -14.45 10.87 40.48
N PRO A 154 -13.14 11.01 40.65
CA PRO A 154 -12.60 11.60 41.87
C PRO A 154 -12.74 13.11 41.87
N GLU A 155 -12.48 13.71 43.04
CA GLU A 155 -12.51 15.16 43.16
C GLU A 155 -11.33 15.79 42.41
N VAL A 156 -10.11 15.43 42.79
CA VAL A 156 -8.92 15.90 42.10
C VAL A 156 -8.38 14.75 41.24
N PRO A 157 -8.62 14.75 39.94
CA PRO A 157 -8.21 13.60 39.11
C PRO A 157 -6.71 13.65 38.81
N ILE A 158 -6.15 12.45 38.61
CA ILE A 158 -4.74 12.37 38.24
C ILE A 158 -4.53 13.20 36.98
N ASP A 159 -3.46 13.99 36.98
CA ASP A 159 -3.12 14.76 35.79
C ASP A 159 -2.40 13.91 34.76
N SER A 160 -1.83 12.77 35.18
CA SER A 160 -1.23 11.84 34.23
C SER A 160 -2.27 11.33 33.23
N THR A 161 -3.43 10.93 33.74
CA THR A 161 -4.36 10.15 32.96
C THR A 161 -5.33 11.05 32.20
N ASN A 162 -5.55 10.76 30.92
CA ASN A 162 -6.56 11.52 30.20
C ASN A 162 -7.96 10.94 30.39
N ILE A 163 -8.10 9.76 30.98
CA ILE A 163 -9.38 9.30 31.49
C ILE A 163 -9.50 9.82 32.91
N LYS A 164 -10.48 10.68 33.16
CA LYS A 164 -10.59 11.35 34.46
C LYS A 164 -11.45 10.57 35.44
N TYR A 165 -11.77 9.33 35.14
CA TYR A 165 -12.35 8.39 36.09
C TYR A 165 -11.26 7.42 36.57
N GLU A 166 -11.51 6.83 37.74
CA GLU A 166 -10.64 5.82 38.32
C GLU A 166 -11.41 4.53 38.52
N ALA A 167 -10.70 3.41 38.43
CA ALA A 167 -11.27 2.10 38.70
C ALA A 167 -10.82 1.65 40.07
N HIS A 168 -11.77 1.27 40.92
CA HIS A 168 -11.44 0.65 42.19
C HIS A 168 -11.47 -0.85 41.99
N ILE A 169 -10.33 -1.50 42.25
CA ILE A 169 -10.07 -2.86 41.82
C ILE A 169 -10.78 -3.83 42.75
N ARG A 170 -11.57 -4.73 42.18
CA ARG A 170 -12.13 -5.88 42.88
C ARG A 170 -11.34 -7.14 42.59
N LYS A 171 -10.92 -7.33 41.35
CA LYS A 171 -10.10 -8.47 40.96
C LYS A 171 -9.05 -7.99 39.98
N ILE A 172 -7.89 -8.65 39.99
CA ILE A 172 -6.88 -8.31 39.00
C ILE A 172 -6.09 -9.55 38.64
N PHE A 173 -6.07 -9.90 37.35
CA PHE A 173 -5.39 -11.09 36.88
C PHE A 173 -4.39 -10.69 35.82
N CYS A 174 -3.24 -11.34 35.82
CA CYS A 174 -2.18 -11.00 34.90
C CYS A 174 -2.13 -12.04 33.79
N ILE A 175 -2.43 -11.62 32.55
CA ILE A 175 -2.45 -12.56 31.44
C ILE A 175 -1.13 -12.58 30.68
N SER A 176 -0.27 -11.58 30.85
CA SER A 176 1.08 -11.64 30.27
C SER A 176 2.02 -10.84 31.18
N LYS A 177 2.93 -11.54 31.85
CA LYS A 177 3.89 -10.92 32.75
C LYS A 177 5.14 -10.49 31.98
N THR A 178 5.57 -9.25 32.19
CA THR A 178 6.86 -8.84 31.63
C THR A 178 7.96 -9.79 32.09
N ALA A 179 8.74 -10.29 31.13
CA ALA A 179 9.73 -11.31 31.41
C ALA A 179 11.13 -10.75 31.63
N LYS A 180 11.36 -9.49 31.28
CA LYS A 180 12.71 -8.96 31.17
C LYS A 180 12.74 -7.52 31.66
N GLU A 181 13.86 -7.12 32.25
CA GLU A 181 14.04 -5.73 32.65
C GLU A 181 13.94 -4.82 31.43
N LEU A 182 13.20 -3.73 31.56
CA LEU A 182 13.02 -2.83 30.44
C LEU A 182 14.34 -2.16 30.06
N PRO A 183 14.56 -1.92 28.77
CA PRO A 183 15.82 -1.25 28.36
C PRO A 183 15.89 0.21 28.79
N PHE A 184 14.76 0.85 29.04
CA PHE A 184 14.68 2.20 29.57
C PHE A 184 13.26 2.36 30.10
N LEU A 185 13.03 3.43 30.83
CA LEU A 185 11.72 3.69 31.39
C LEU A 185 10.87 4.53 30.45
N LEU A 186 9.58 4.17 30.32
CA LEU A 186 8.68 4.99 29.52
C LEU A 186 8.50 6.38 30.11
N LYS A 187 8.59 6.50 31.44
CA LYS A 187 8.53 7.83 32.03
C LYS A 187 9.64 8.72 31.46
N ASP A 188 10.84 8.18 31.30
CA ASP A 188 11.92 8.94 30.68
C ASP A 188 11.71 9.11 29.18
N ALA A 189 11.27 8.03 28.51
CA ALA A 189 11.15 8.07 27.06
C ALA A 189 10.08 9.06 26.59
N ASN A 190 9.08 9.34 27.43
CA ASN A 190 8.00 10.25 27.09
C ASN A 190 8.34 11.71 27.34
N MET A 191 9.40 11.98 28.10
CA MET A 191 9.72 13.33 28.56
C MET A 191 10.09 14.23 27.39
N LYS A 192 9.52 15.44 27.35
CA LYS A 192 10.02 16.44 26.43
C LYS A 192 11.50 16.67 26.73
N GLU A 193 12.34 16.64 25.71
CA GLU A 193 13.79 16.57 25.91
C GLU A 193 14.31 17.97 26.23
N THR A 194 14.69 18.19 27.49
CA THR A 194 15.22 19.47 27.95
C THR A 194 16.52 19.25 28.70
N ASN A 195 17.09 20.37 29.11
CA ASN A 195 18.29 20.40 29.95
C ASN A 195 17.97 20.45 31.43
N GLU A 196 16.84 19.92 31.89
CA GLU A 196 16.47 20.12 33.28
C GLU A 196 17.18 19.13 34.18
N ILE A 200 16.37 12.66 32.14
CA ILE A 200 17.05 11.52 31.55
C ILE A 200 16.63 11.44 30.09
N LYS A 201 17.57 11.62 29.19
CA LYS A 201 17.25 11.49 27.81
C LYS A 201 17.52 10.06 27.43
N VAL A 202 16.68 9.52 26.56
CA VAL A 202 16.88 8.22 25.95
C VAL A 202 17.33 8.50 24.53
N ASN A 203 18.56 8.10 24.18
CA ASN A 203 19.11 8.53 22.91
CA ASN A 203 19.12 8.52 22.91
C ASN A 203 18.59 7.65 21.77
N GLN A 204 18.81 8.13 20.55
CA GLN A 204 18.22 7.49 19.38
C GLN A 204 18.67 6.05 19.23
N ASP A 205 19.95 5.77 19.47
CA ASP A 205 20.44 4.42 19.28
C ASP A 205 19.72 3.45 20.21
N ASN A 206 19.58 3.83 21.48
CA ASN A 206 18.88 3.02 22.47
C ASN A 206 17.43 2.80 22.06
N ARG A 207 16.78 3.85 21.56
CA ARG A 207 15.37 3.73 21.16
C ARG A 207 15.21 2.81 19.96
N LEU A 208 15.97 3.00 18.92
CA LEU A 208 15.89 2.19 17.72
C LEU A 208 16.26 0.72 17.94
N ASN A 209 17.20 0.48 18.81
CA ASN A 209 17.60 -0.82 19.20
C ASN A 209 16.51 -1.58 19.96
N ASN A 210 15.70 -0.88 20.70
CA ASN A 210 14.63 -1.41 21.48
C ASN A 210 13.31 -0.81 20.99
N ARG A 211 13.13 -0.83 19.69
CA ARG A 211 12.06 -0.12 19.02
C ARG A 211 10.71 -0.50 19.49
N CYS A 212 10.53 -1.78 19.77
CA CYS A 212 9.26 -2.25 20.32
CA CYS A 212 9.26 -2.28 20.31
C CYS A 212 8.73 -1.75 21.76
N VAL A 213 9.77 -1.16 22.42
CA VAL A 213 9.47 -0.41 23.63
C VAL A 213 9.33 1.08 23.31
N ASP A 214 10.24 1.60 22.49
CA ASP A 214 10.17 3.00 22.06
C ASP A 214 8.80 3.37 21.47
N LEU A 215 8.22 2.49 20.66
CA LEU A 215 6.96 2.79 19.98
C LEU A 215 5.79 2.92 20.94
N ARG A 216 5.99 2.58 22.21
CA ARG A 216 4.93 2.70 23.22
C ARG A 216 4.79 4.11 23.78
N THR A 217 5.71 5.03 23.50
CA THR A 217 5.52 6.40 23.96
C THR A 217 4.29 7.00 23.29
N TYR A 218 3.67 7.97 23.97
CA TYR A 218 2.45 8.54 23.42
C TYR A 218 2.70 9.22 22.07
N ALA A 219 3.82 9.95 21.97
CA ALA A 219 4.12 10.63 20.73
C ALA A 219 4.43 9.65 19.60
N ASN A 220 5.15 8.55 19.89
CA ASN A 220 5.48 7.63 18.81
C ASN A 220 4.24 6.89 18.30
N TYR A 221 3.39 6.45 19.24
CA TYR A 221 2.10 5.89 18.84
C TYR A 221 1.37 6.86 17.92
N SER A 222 1.29 8.14 18.32
CA SER A 222 0.56 9.11 17.53
C SER A 222 1.20 9.34 16.17
N ILE A 223 2.54 9.39 16.12
CA ILE A 223 3.24 9.57 14.85
C ILE A 223 2.78 8.51 13.86
N PHE A 224 2.75 7.25 14.28
CA PHE A 224 2.46 6.25 13.25
C PHE A 224 0.98 6.11 12.93
N CYS A 225 0.09 6.52 13.86
CA CYS A 225 -1.30 6.73 13.48
C CYS A 225 -1.42 7.79 12.39
N LEU A 226 -0.68 8.89 12.53
CA LEU A 226 -0.69 9.95 11.53
C LEU A 226 -0.09 9.48 10.21
N GLN A 227 0.95 8.63 10.26
CA GLN A 227 1.49 8.11 9.00
C GLN A 227 0.40 7.34 8.24
N SER A 228 -0.39 6.55 8.97
CA SER A 228 -1.46 5.80 8.34
C SER A 228 -2.50 6.75 7.77
N GLN A 229 -2.81 7.83 8.50
CA GLN A 229 -3.74 8.84 8.02
C GLN A 229 -3.28 9.45 6.71
N ILE A 230 -1.99 9.75 6.58
CA ILE A 230 -1.50 10.31 5.31
C ILE A 230 -1.75 9.33 4.17
N CYS A 231 -1.43 8.04 4.39
CA CYS A 231 -1.67 7.06 3.33
C CYS A 231 -3.14 7.00 2.94
N THR A 232 -4.03 7.05 3.94
CA THR A 232 -5.47 6.98 3.66
C THR A 232 -5.94 8.19 2.88
N ILE A 233 -5.55 9.39 3.32
CA ILE A 233 -5.99 10.62 2.65
C ILE A 233 -5.49 10.64 1.21
N PHE A 234 -4.21 10.30 1.01
CA PHE A 234 -3.62 10.25 -0.32
C PHE A 234 -4.41 9.33 -1.23
N LYS A 235 -4.58 8.07 -0.82
CA LYS A 235 -5.28 7.13 -1.68
C LYS A 235 -6.72 7.55 -1.92
N ASN A 236 -7.42 8.01 -0.88
CA ASN A 236 -8.83 8.34 -1.07
C ASN A 236 -9.01 9.51 -2.02
N PHE A 237 -8.13 10.52 -1.92
CA PHE A 237 -8.22 11.64 -2.86
C PHE A 237 -8.02 11.16 -4.30
N LEU A 238 -7.01 10.31 -4.50
CA LEU A 238 -6.76 9.86 -5.87
C LEU A 238 -7.90 8.97 -6.38
N LEU A 239 -8.41 8.06 -5.54
CA LEU A 239 -9.54 7.23 -5.95
C LEU A 239 -10.76 8.08 -6.31
N GLU A 240 -11.03 9.12 -5.52
CA GLU A 240 -12.14 10.00 -5.85
C GLU A 240 -11.91 10.73 -7.16
N ASN A 241 -10.65 10.88 -7.57
CA ASN A 241 -10.35 11.49 -8.86
C ASN A 241 -10.05 10.47 -9.96
N ASN A 242 -10.59 9.25 -9.81
CA ASN A 242 -10.63 8.21 -10.86
C ASN A 242 -9.28 7.57 -11.14
N PHE A 243 -8.37 7.60 -10.16
CA PHE A 243 -7.13 6.85 -10.21
C PHE A 243 -7.37 5.40 -9.83
N ILE A 244 -6.57 4.50 -10.38
CA ILE A 244 -6.48 3.15 -9.85
C ILE A 244 -5.13 2.96 -9.18
N GLU A 245 -5.12 2.07 -8.18
CA GLU A 245 -3.90 1.68 -7.51
C GLU A 245 -3.20 0.59 -8.30
N ILE A 246 -1.87 0.72 -8.46
CA ILE A 246 -1.08 -0.30 -9.16
C ILE A 246 0.00 -0.82 -8.21
N HIS A 247 0.53 -1.99 -8.57
CA HIS A 247 1.63 -2.61 -7.83
C HIS A 247 2.62 -3.13 -8.85
N THR A 248 3.81 -2.55 -8.88
CA THR A 248 4.82 -2.86 -9.86
C THR A 248 6.05 -3.42 -9.15
N PRO A 249 6.89 -4.18 -9.86
CA PRO A 249 7.90 -4.99 -9.17
C PRO A 249 9.03 -4.15 -8.61
N LYS A 250 9.58 -4.62 -7.48
CA LYS A 250 10.79 -4.03 -6.92
C LYS A 250 12.04 -4.81 -7.28
N LEU A 251 11.91 -6.02 -7.80
CA LEU A 251 13.05 -6.77 -8.34
C LEU A 251 13.16 -6.43 -9.82
N LEU A 252 14.30 -5.86 -10.23
CA LEU A 252 14.49 -5.37 -11.59
C LEU A 252 15.75 -5.97 -12.19
N GLY A 253 15.78 -5.97 -13.52
CA GLY A 253 17.02 -6.24 -14.24
C GLY A 253 17.88 -5.03 -14.48
N GLU A 254 17.35 -3.82 -14.24
CA GLU A 254 18.05 -2.56 -14.50
C GLU A 254 17.59 -1.49 -13.50
N SER A 255 18.53 -0.68 -13.04
CA SER A 255 18.21 0.37 -12.07
C SER A 255 17.26 1.41 -12.66
N SER A 256 16.38 1.93 -11.81
CA SER A 256 15.36 2.87 -12.29
C SER A 256 15.86 4.32 -12.26
N GLU A 257 16.57 4.67 -11.22
CA GLU A 257 17.11 6.01 -11.09
C GLU A 257 18.64 6.11 -11.08
N GLY A 258 19.36 5.30 -11.86
CA GLY A 258 20.81 5.45 -11.79
C GLY A 258 21.45 4.38 -10.93
N GLY A 259 22.20 3.52 -11.58
CA GLY A 259 22.80 2.35 -11.01
C GLY A 259 23.78 2.51 -9.92
N ALA A 260 24.40 3.66 -9.80
CA ALA A 260 25.36 3.85 -8.75
C ALA A 260 24.75 3.64 -7.36
N ASN A 261 23.54 4.07 -7.12
CA ASN A 261 22.97 3.87 -5.85
C ASN A 261 21.87 2.83 -5.76
N ALA A 262 21.97 1.76 -6.51
CA ALA A 262 21.02 0.65 -6.51
C ALA A 262 21.60 -0.55 -5.79
N PHE A 263 20.82 -1.15 -4.91
CA PHE A 263 21.19 -2.43 -4.33
C PHE A 263 21.16 -3.52 -5.39
N GLN A 264 22.18 -4.36 -5.42
CA GLN A 264 22.25 -5.48 -6.35
C GLN A 264 21.80 -6.76 -5.65
N ILE A 265 21.19 -7.66 -6.44
CA ILE A 265 20.69 -8.94 -5.97
C ILE A 265 21.10 -10.01 -6.98
N ASN A 266 21.28 -11.24 -6.50
CA ASN A 266 21.37 -12.40 -7.37
C ASN A 266 19.97 -12.98 -7.52
N TYR A 267 19.38 -12.85 -8.69
CA TYR A 267 18.03 -13.34 -8.97
C TYR A 267 18.16 -14.59 -9.84
N PHE A 268 18.27 -15.75 -9.20
CA PHE A 268 18.34 -17.03 -9.92
C PHE A 268 19.43 -17.00 -11.00
N ASN A 269 20.64 -16.61 -10.61
CA ASN A 269 21.78 -16.48 -11.51
C ASN A 269 21.60 -15.41 -12.58
N GLN A 270 20.64 -14.51 -12.42
CA GLN A 270 20.61 -13.25 -13.16
C GLN A 270 21.08 -12.15 -12.24
N LYS A 271 21.64 -11.10 -12.82
CA LYS A 271 22.04 -9.92 -12.08
C LYS A 271 20.83 -9.00 -11.97
N GLY A 272 20.37 -8.72 -10.76
CA GLY A 272 19.21 -7.89 -10.56
C GLY A 272 19.51 -6.73 -9.63
N PHE A 273 18.52 -5.85 -9.52
CA PHE A 273 18.61 -4.67 -8.69
C PHE A 273 17.28 -4.50 -7.96
N LEU A 274 17.32 -3.84 -6.81
CA LEU A 274 16.09 -3.40 -6.18
C LEU A 274 15.68 -2.06 -6.79
N ALA A 275 14.37 -1.86 -6.93
CA ALA A 275 13.85 -0.60 -7.46
C ALA A 275 14.15 0.56 -6.52
N GLN A 276 14.73 1.63 -7.08
CA GLN A 276 14.85 2.90 -6.37
C GLN A 276 13.60 3.74 -6.50
N SER A 277 12.73 3.34 -7.40
CA SER A 277 11.51 4.06 -7.76
CA SER A 277 11.51 4.05 -7.73
C SER A 277 10.69 3.18 -8.68
N PRO A 278 9.37 3.36 -8.72
CA PRO A 278 8.57 2.66 -9.73
C PRO A 278 8.48 3.45 -11.04
N GLN A 279 9.43 4.38 -11.25
CA GLN A 279 9.35 5.33 -12.37
C GLN A 279 9.05 4.65 -13.71
N LEU A 280 9.87 3.65 -14.07
CA LEU A 280 9.72 3.04 -15.38
C LEU A 280 8.34 2.40 -15.52
N TYR A 281 7.89 1.72 -14.47
CA TYR A 281 6.64 0.96 -14.56
C TYR A 281 5.41 1.85 -14.49
N LYS A 282 5.42 2.91 -13.69
CA LYS A 282 4.24 3.77 -13.71
C LYS A 282 4.09 4.44 -15.08
N GLN A 283 5.20 4.82 -15.72
CA GLN A 283 5.04 5.31 -17.10
C GLN A 283 4.54 4.21 -18.02
N MET A 284 5.08 3.00 -17.90
CA MET A 284 4.63 1.91 -18.76
C MET A 284 3.12 1.68 -18.61
N CYS A 285 2.60 1.87 -17.39
CA CYS A 285 1.17 1.71 -17.14
C CYS A 285 0.37 2.79 -17.87
N ILE A 286 0.88 4.03 -17.87
CA ILE A 286 0.19 5.07 -18.64
C ILE A 286 0.27 4.76 -20.14
N ASN A 287 1.43 4.31 -20.61
CA ASN A 287 1.55 3.91 -22.01
C ASN A 287 0.62 2.74 -22.33
N SER A 288 0.30 1.92 -21.34
CA SER A 288 -0.64 0.80 -21.54
C SER A 288 -2.09 1.23 -21.51
N GLY A 289 -2.39 2.50 -21.23
CA GLY A 289 -3.74 3.00 -21.24
C GLY A 289 -4.42 3.17 -19.90
N PHE A 290 -3.71 3.01 -18.76
CA PHE A 290 -4.38 3.07 -17.46
C PHE A 290 -4.75 4.49 -17.05
N ASP A 291 -4.19 5.51 -17.70
CA ASP A 291 -4.60 6.91 -17.65
C ASP A 291 -4.28 7.66 -16.36
N ARG A 292 -4.63 7.09 -15.20
CA ARG A 292 -4.36 7.72 -13.90
C ARG A 292 -4.04 6.60 -12.92
N VAL A 293 -2.79 6.56 -12.43
CA VAL A 293 -2.34 5.50 -11.54
C VAL A 293 -1.60 6.08 -10.33
N PHE A 294 -1.64 5.36 -9.23
CA PHE A 294 -0.78 5.66 -8.10
C PHE A 294 -0.28 4.37 -7.48
N GLU A 295 0.84 4.49 -6.78
CA GLU A 295 1.41 3.36 -6.06
C GLU A 295 1.89 3.86 -4.71
N VAL A 296 1.65 3.05 -3.67
CA VAL A 296 2.19 3.26 -2.33
C VAL A 296 3.03 2.03 -1.99
N ALA A 297 4.36 2.16 -2.01
CA ALA A 297 5.16 0.94 -1.91
C ALA A 297 6.59 1.30 -1.51
N PRO A 298 7.34 0.35 -0.95
CA PRO A 298 8.76 0.58 -0.63
C PRO A 298 9.59 0.84 -1.88
N VAL A 299 10.63 1.64 -1.70
CA VAL A 299 11.75 1.71 -2.63
C VAL A 299 13.02 1.64 -1.79
N PHE A 300 14.12 1.36 -2.49
CA PHE A 300 15.39 0.99 -1.89
C PHE A 300 16.50 1.78 -2.56
N ARG A 301 17.24 2.51 -1.78
CA ARG A 301 18.28 3.36 -2.25
C ARG A 301 19.53 3.20 -1.43
N ALA A 302 20.58 2.80 -2.10
CA ALA A 302 21.88 2.55 -1.48
C ALA A 302 22.71 3.83 -1.41
N GLU A 303 22.20 4.79 -0.66
CA GLU A 303 22.78 6.08 -0.42
C GLU A 303 23.97 5.84 0.44
N ASN A 304 25.17 6.21 0.05
CA ASN A 304 26.22 6.05 1.05
C ASN A 304 26.42 7.32 1.84
N SER A 305 25.34 7.95 2.24
CA SER A 305 25.44 9.04 3.16
C SER A 305 24.43 8.72 4.22
N ASN A 306 24.83 8.98 5.44
CA ASN A 306 24.06 8.70 6.64
C ASN A 306 23.63 10.06 7.20
N THR A 307 22.43 10.49 6.83
CA THR A 307 21.93 11.82 7.17
C THR A 307 20.64 11.73 7.98
N TYR A 308 20.27 12.86 8.55
CA TYR A 308 19.10 12.91 9.42
C TYR A 308 17.79 12.88 8.64
N ARG A 309 17.82 13.01 7.31
CA ARG A 309 16.61 13.26 6.55
C ARG A 309 16.40 12.27 5.42
N HIS A 310 17.24 11.25 5.29
CA HIS A 310 17.10 10.25 4.24
C HIS A 310 17.34 8.86 4.82
N LEU A 311 16.69 7.86 4.21
CA LEU A 311 16.86 6.46 4.59
C LEU A 311 17.23 5.62 3.36
N CYS A 312 17.69 4.39 3.60
CA CYS A 312 18.01 3.46 2.53
C CYS A 312 16.81 2.65 2.07
N GLU A 313 15.73 2.68 2.84
CA GLU A 313 14.46 2.09 2.46
C GLU A 313 13.39 3.06 2.90
N TYR A 314 12.45 3.37 2.02
CA TYR A 314 11.37 4.25 2.45
C TYR A 314 10.15 3.94 1.62
N VAL A 315 9.02 4.54 2.00
CA VAL A 315 7.75 4.33 1.33
C VAL A 315 7.54 5.48 0.35
N SER A 316 7.55 5.17 -0.95
CA SER A 316 7.26 6.16 -1.97
C SER A 316 5.79 6.17 -2.31
N LEU A 317 5.21 7.38 -2.35
CA LEU A 317 3.87 7.62 -2.88
C LEU A 317 4.08 8.18 -4.28
N ASP A 318 3.67 7.42 -5.30
CA ASP A 318 3.92 7.80 -6.68
C ASP A 318 2.60 8.01 -7.40
N VAL A 319 2.58 9.01 -8.27
CA VAL A 319 1.41 9.34 -9.07
C VAL A 319 1.90 9.49 -10.50
N GLU A 320 1.11 8.98 -11.46
CA GLU A 320 1.38 9.21 -12.87
C GLU A 320 0.04 9.38 -13.57
N MET A 321 -0.06 10.35 -14.47
CA MET A 321 -1.35 10.64 -15.09
C MET A 321 -1.17 11.35 -16.42
N THR A 322 -2.18 11.28 -17.25
CA THR A 322 -2.16 11.97 -18.50
C THR A 322 -2.66 13.40 -18.30
N TYR A 323 -2.39 14.22 -19.29
CA TYR A 323 -2.92 15.57 -19.35
C TYR A 323 -3.44 15.79 -20.77
N LYS A 324 -4.24 16.82 -20.92
CA LYS A 324 -4.88 17.13 -22.14
C LYS A 324 -4.02 17.89 -23.07
N TYR A 325 -3.76 19.13 -22.72
CA TYR A 325 -2.91 20.01 -23.54
C TYR A 325 -1.73 20.75 -22.86
N ASP A 326 -1.70 20.75 -21.54
CA ASP A 326 -0.69 21.43 -20.76
C ASP A 326 -0.37 20.66 -19.50
N TYR A 327 0.88 20.34 -19.30
CA TYR A 327 1.24 19.56 -18.12
C TYR A 327 0.94 20.30 -16.83
N LEU A 328 0.79 21.62 -16.89
CA LEU A 328 0.41 22.38 -15.70
C LEU A 328 -0.95 21.97 -15.16
N GLU A 329 -1.83 21.41 -16.01
CA GLU A 329 -3.06 20.79 -15.53
C GLU A 329 -2.76 19.83 -14.39
N ASN A 330 -1.76 18.96 -14.60
CA ASN A 330 -1.41 17.98 -13.58
C ASN A 330 -0.72 18.65 -12.38
N VAL A 331 0.11 19.68 -12.61
CA VAL A 331 0.81 20.29 -11.47
C VAL A 331 -0.22 20.88 -10.50
N HIS A 332 -1.19 21.61 -11.04
CA HIS A 332 -2.23 22.15 -10.17
C HIS A 332 -3.00 21.03 -9.48
N PHE A 333 -3.18 19.90 -10.15
CA PHE A 333 -3.81 18.75 -9.48
C PHE A 333 -2.95 18.25 -8.31
N TYR A 334 -1.65 18.03 -8.53
CA TYR A 334 -0.80 17.60 -7.42
C TYR A 334 -0.85 18.61 -6.28
N ASP A 335 -0.91 19.90 -6.63
CA ASP A 335 -0.97 20.93 -5.60
C ASP A 335 -2.25 20.81 -4.80
N SER A 336 -3.39 20.64 -5.49
CA SER A 336 -4.64 20.48 -4.76
CA SER A 336 -4.64 20.47 -4.76
C SER A 336 -4.58 19.26 -3.85
N MET A 337 -3.90 18.20 -4.31
CA MET A 337 -3.77 16.99 -3.50
C MET A 337 -3.09 17.30 -2.18
N PHE A 338 -2.00 18.07 -2.23
CA PHE A 338 -1.33 18.36 -0.97
C PHE A 338 -2.15 19.29 -0.11
N LYS A 339 -2.84 20.26 -0.72
CA LYS A 339 -3.63 21.15 0.13
C LYS A 339 -4.70 20.34 0.83
N HIS A 340 -5.23 19.34 0.12
CA HIS A 340 -6.23 18.45 0.70
C HIS A 340 -5.62 17.64 1.84
N ILE A 341 -4.42 17.07 1.61
CA ILE A 341 -3.76 16.33 2.69
C ILE A 341 -3.61 17.23 3.92
N PHE A 342 -3.15 18.46 3.71
CA PHE A 342 -2.91 19.30 4.88
C PHE A 342 -4.22 19.59 5.58
N THR A 343 -5.26 19.86 4.78
CA THR A 343 -6.55 20.20 5.34
C THR A 343 -7.07 19.05 6.15
N GLU A 344 -6.92 17.82 5.62
CA GLU A 344 -7.50 16.68 6.31
C GLU A 344 -6.68 16.34 7.53
N LEU A 345 -5.35 16.56 7.47
CA LEU A 345 -4.52 16.25 8.63
C LEU A 345 -4.82 17.20 9.77
N SER A 346 -5.26 18.42 9.45
CA SER A 346 -5.43 19.48 10.42
C SER A 346 -6.85 19.55 10.97
N LYS A 347 -7.72 18.62 10.61
CA LYS A 347 -9.14 18.74 10.92
C LYS A 347 -9.64 17.51 11.65
N GLY A 348 -10.62 17.74 12.52
CA GLY A 348 -11.28 16.66 13.23
C GLY A 348 -10.66 16.42 14.59
N GLY A 349 -11.46 15.86 15.49
CA GLY A 349 -10.99 15.61 16.83
C GLY A 349 -9.81 14.66 16.88
N LYS A 350 -9.85 13.58 16.11
CA LYS A 350 -8.86 12.55 16.33
C LYS A 350 -7.49 12.94 15.78
N ASN A 351 -7.43 13.57 14.61
CA ASN A 351 -6.15 14.06 14.11
C ASN A 351 -5.62 15.18 15.00
N GLU A 352 -6.51 16.05 15.47
CA GLU A 352 -6.09 17.10 16.39
C GLU A 352 -5.46 16.50 17.65
N MET A 353 -6.08 15.46 18.19
CA MET A 353 -5.54 14.82 19.38
C MET A 353 -4.20 14.15 19.10
N LEU A 354 -4.08 13.47 17.96
CA LEU A 354 -2.81 12.84 17.60
C LEU A 354 -1.69 13.88 17.50
N ILE A 355 -1.94 14.97 16.79
CA ILE A 355 -0.92 15.98 16.57
C ILE A 355 -0.54 16.65 17.89
N LYS A 356 -1.55 17.01 18.71
CA LYS A 356 -1.28 17.60 20.02
C LYS A 356 -0.43 16.66 20.87
N THR A 357 -0.68 15.34 20.75
CA THR A 357 0.09 14.39 21.54
C THR A 357 1.55 14.36 21.10
N VAL A 358 1.79 14.37 19.79
CA VAL A 358 3.17 14.50 19.29
C VAL A 358 3.81 15.77 19.82
N LYS A 359 3.11 16.90 19.68
CA LYS A 359 3.66 18.20 20.07
C LYS A 359 3.91 18.31 21.57
N GLY A 360 3.19 17.54 22.38
CA GLY A 360 3.46 17.53 23.81
C GLY A 360 4.90 17.17 24.11
N GLN A 361 5.46 16.24 23.34
CA GLN A 361 6.87 15.86 23.52
C GLN A 361 7.80 16.61 22.58
N TYR A 362 7.36 16.87 21.35
CA TYR A 362 8.19 17.49 20.31
C TYR A 362 7.50 18.76 19.83
N PRO A 363 7.60 19.84 20.59
CA PRO A 363 6.84 21.04 20.22
C PRO A 363 7.32 21.62 18.90
N CYS A 364 6.38 22.18 18.14
CA CYS A 364 6.70 22.85 16.90
C CYS A 364 5.45 23.59 16.44
N GLU A 365 5.64 24.76 15.84
CA GLU A 365 4.49 25.54 15.41
C GLU A 365 3.69 24.76 14.36
N ASP A 366 2.38 24.91 14.37
CA ASP A 366 1.50 24.25 13.44
C ASP A 366 1.87 24.50 11.99
N PHE A 367 1.77 23.48 11.19
CA PHE A 367 2.10 23.61 9.78
C PHE A 367 1.13 24.58 9.11
N GLN A 368 1.68 25.53 8.36
CA GLN A 368 0.91 26.60 7.72
C GLN A 368 0.97 26.49 6.20
N TRP A 369 -0.17 26.72 5.54
CA TRP A 369 -0.20 26.77 4.09
C TRP A 369 -1.28 27.74 3.66
N LEU A 370 -1.25 28.11 2.38
CA LEU A 370 -2.14 29.11 1.84
C LEU A 370 -3.19 28.47 0.93
N GLU A 371 -4.25 29.23 0.66
CA GLU A 371 -5.19 28.76 -0.35
C GLU A 371 -4.64 28.89 -1.76
N GLU A 372 -3.68 29.77 -1.98
CA GLU A 372 -2.99 29.90 -3.26
C GLU A 372 -1.52 29.59 -3.02
N THR A 373 -1.08 28.40 -3.42
CA THR A 373 0.30 27.99 -3.16
C THR A 373 1.27 28.87 -3.95
N PRO A 374 2.28 29.44 -3.32
CA PRO A 374 3.27 30.20 -4.09
C PRO A 374 4.07 29.26 -4.99
N ILE A 375 4.28 29.68 -6.23
CA ILE A 375 5.06 28.93 -7.21
C ILE A 375 6.18 29.86 -7.69
N PHE A 376 7.42 29.40 -7.60
CA PHE A 376 8.57 30.14 -8.08
C PHE A 376 9.27 29.35 -9.17
N THR A 377 9.74 30.03 -10.21
CA THR A 377 10.66 29.32 -11.08
C THR A 377 12.00 29.14 -10.35
N TYR A 378 12.80 28.19 -10.82
CA TYR A 378 14.14 28.02 -10.28
C TYR A 378 14.95 29.30 -10.40
N GLU A 379 14.82 29.97 -11.55
CA GLU A 379 15.51 31.24 -11.76
C GLU A 379 15.07 32.29 -10.75
N GLU A 380 13.75 32.41 -10.55
CA GLU A 380 13.22 33.35 -9.56
C GLU A 380 13.73 33.01 -8.16
N ALA A 381 13.78 31.73 -7.82
CA ALA A 381 14.25 31.32 -6.50
C ALA A 381 15.70 31.73 -6.29
N ILE A 382 16.53 31.51 -7.31
CA ILE A 382 17.95 31.90 -7.25
C ILE A 382 18.07 33.41 -7.05
N LYS A 383 17.33 34.18 -7.84
CA LYS A 383 17.42 35.63 -7.72
C LYS A 383 16.94 36.10 -6.35
N MET A 384 15.92 35.43 -5.80
CA MET A 384 15.47 35.77 -4.45
CA MET A 384 15.46 35.76 -4.45
C MET A 384 16.57 35.52 -3.43
N LEU A 385 17.25 34.38 -3.53
CA LEU A 385 18.31 34.07 -2.57
C LEU A 385 19.47 35.05 -2.70
N ILE A 386 19.85 35.41 -3.93
CA ILE A 386 20.91 36.39 -4.11
C ILE A 386 20.50 37.73 -3.51
N GLN A 387 19.28 38.13 -3.73
CA GLN A 387 18.78 39.35 -3.24
C GLN A 387 18.80 39.41 -1.73
N HIS A 388 18.51 38.31 -1.08
CA HIS A 388 18.54 38.26 0.38
C HIS A 388 19.94 37.98 0.93
N GLY A 389 20.96 37.99 0.08
CA GLY A 389 22.31 37.83 0.58
C GLY A 389 22.63 36.43 1.05
N LYS A 390 21.82 35.43 0.68
CA LYS A 390 22.05 34.05 1.06
C LYS A 390 22.89 33.29 0.06
N LEU A 391 23.13 33.86 -1.12
CA LEU A 391 23.77 33.16 -2.21
C LEU A 391 24.55 34.17 -3.01
N HIS A 392 25.73 33.77 -3.48
CA HIS A 392 26.57 34.65 -4.31
C HIS A 392 26.96 33.90 -5.57
N LEU A 393 26.56 34.43 -6.72
CA LEU A 393 26.83 33.84 -8.02
C LEU A 393 26.98 34.95 -9.05
N LYS A 394 27.92 34.78 -9.97
CA LYS A 394 27.93 35.57 -11.18
C LYS A 394 26.73 35.21 -12.05
N GLU A 395 26.26 36.18 -12.86
CA GLU A 395 25.15 35.91 -13.76
C GLU A 395 25.48 34.77 -14.70
N GLU A 396 26.76 34.68 -15.07
CA GLU A 396 27.31 33.57 -15.84
C GLU A 396 27.05 32.20 -15.19
N GLU A 397 27.04 32.12 -13.86
CA GLU A 397 27.00 30.86 -13.13
C GLU A 397 25.60 30.39 -12.83
N ILE A 398 24.58 31.15 -13.21
CA ILE A 398 23.24 30.90 -12.69
C ILE A 398 22.62 29.67 -13.34
N LEU A 399 22.83 29.47 -14.65
CA LEU A 399 22.16 28.38 -15.33
C LEU A 399 22.64 27.02 -14.83
N ALA A 400 23.95 26.86 -14.65
CA ALA A 400 24.52 25.59 -14.19
C ALA A 400 24.42 25.37 -12.68
N TYR A 401 23.93 26.35 -11.92
CA TYR A 401 23.94 26.24 -10.46
C TYR A 401 22.96 25.19 -9.96
N ASP A 402 23.44 24.37 -9.03
CA ASP A 402 22.69 23.24 -8.48
C ASP A 402 22.42 23.51 -7.00
N MET A 403 21.18 23.91 -6.69
CA MET A 403 20.85 24.43 -5.36
C MET A 403 20.98 23.35 -4.29
N SER A 404 21.74 23.64 -3.23
CA SER A 404 21.95 22.67 -2.16
C SER A 404 20.71 22.55 -1.28
N THR A 405 20.67 21.49 -0.46
CA THR A 405 19.55 21.34 0.46
C THR A 405 19.56 22.39 1.56
N ASP A 406 20.75 22.81 2.00
CA ASP A 406 20.81 23.93 2.94
C ASP A 406 20.26 25.20 2.30
N MET A 407 20.59 25.43 1.02
CA MET A 407 20.06 26.59 0.34
C MET A 407 18.54 26.51 0.20
N GLU A 408 18.01 25.30 -0.05
CA GLU A 408 16.56 25.15 -0.09
C GLU A 408 15.93 25.49 1.26
N LYS A 409 16.63 25.19 2.37
CA LYS A 409 16.10 25.59 3.67
C LYS A 409 16.13 27.11 3.83
N GLU A 410 17.19 27.77 3.35
CA GLU A 410 17.23 29.24 3.41
C GLU A 410 16.08 29.85 2.62
N LEU A 411 15.78 29.27 1.46
CA LEU A 411 14.63 29.73 0.67
C LEU A 411 13.34 29.55 1.45
N GLY A 412 13.19 28.39 2.11
CA GLY A 412 12.04 28.16 2.97
C GLY A 412 11.87 29.23 4.02
N LYS A 413 12.97 29.65 4.66
CA LYS A 413 12.87 30.72 5.66
C LYS A 413 12.40 32.03 5.03
N ILE A 414 12.97 32.37 3.87
CA ILE A 414 12.58 33.60 3.18
C ILE A 414 11.10 33.60 2.82
N VAL A 415 10.62 32.46 2.30
CA VAL A 415 9.23 32.36 1.86
C VAL A 415 8.28 32.32 3.06
N LYS A 416 8.69 31.67 4.14
CA LYS A 416 7.92 31.73 5.37
C LYS A 416 7.75 33.16 5.84
N ALA A 417 8.83 33.95 5.78
CA ALA A 417 8.72 35.35 6.23
C ALA A 417 7.85 36.19 5.28
N SER A 418 7.98 35.98 3.98
CA SER A 418 7.31 36.87 3.03
C SER A 418 5.89 36.43 2.69
N HIS A 419 5.63 35.13 2.60
CA HIS A 419 4.33 34.60 2.21
C HIS A 419 3.57 33.94 3.35
N HIS A 420 4.18 33.79 4.53
CA HIS A 420 3.52 33.21 5.71
C HIS A 420 3.05 31.79 5.43
N THR A 421 3.89 31.00 4.78
CA THR A 421 3.54 29.62 4.48
C THR A 421 4.76 28.73 4.67
N ASP A 422 4.48 27.48 5.01
CA ASP A 422 5.49 26.43 5.07
C ASP A 422 5.52 25.57 3.83
N TYR A 423 4.75 25.91 2.79
CA TYR A 423 4.54 25.01 1.66
C TYR A 423 4.63 25.80 0.36
N TYR A 424 5.49 25.37 -0.55
CA TYR A 424 5.53 26.06 -1.85
C TYR A 424 6.15 25.16 -2.91
N ILE A 425 6.21 25.68 -4.13
CA ILE A 425 6.54 24.90 -5.33
C ILE A 425 7.64 25.61 -6.09
N ILE A 426 8.65 24.86 -6.55
CA ILE A 426 9.64 25.38 -7.48
C ILE A 426 9.48 24.63 -8.80
N ILE A 427 9.52 25.38 -9.91
CA ILE A 427 9.25 24.83 -11.23
C ILE A 427 10.35 25.25 -12.20
N ASN A 428 10.44 24.53 -13.32
CA ASN A 428 11.35 24.90 -14.41
C ASN A 428 12.83 24.77 -13.96
N PHE A 429 13.18 23.61 -13.47
CA PHE A 429 14.58 23.30 -13.19
C PHE A 429 15.35 23.17 -14.51
N PRO A 430 16.65 23.46 -14.50
CA PRO A 430 17.46 23.23 -15.69
C PRO A 430 17.48 21.75 -16.05
N SER A 431 17.32 21.48 -17.34
CA SER A 431 17.23 20.09 -17.80
C SER A 431 18.47 19.28 -17.39
N ALA A 432 19.64 19.93 -17.34
CA ALA A 432 20.87 19.22 -17.03
C ALA A 432 20.87 18.65 -15.63
N LEU A 433 20.01 19.16 -14.74
CA LEU A 433 19.97 18.70 -13.36
C LEU A 433 18.80 17.74 -13.10
N ARG A 434 18.08 17.34 -14.13
CA ARG A 434 16.93 16.47 -13.94
C ARG A 434 17.11 15.17 -14.73
N PRO A 435 16.37 14.12 -14.39
CA PRO A 435 16.58 12.80 -15.02
C PRO A 435 16.23 12.80 -16.50
N PHE A 436 16.67 11.71 -17.16
CA PHE A 436 16.54 11.59 -18.60
C PHE A 436 15.09 11.58 -19.10
N TYR A 437 14.13 11.20 -18.25
CA TYR A 437 12.74 11.12 -18.68
C TYR A 437 12.01 12.46 -18.58
N THR A 438 12.69 13.50 -18.11
CA THR A 438 12.09 14.82 -17.93
C THR A 438 12.02 15.53 -19.27
N MET A 439 10.83 15.99 -19.64
CA MET A 439 10.69 16.72 -20.89
C MET A 439 11.22 18.14 -20.73
N TYR A 440 12.00 18.59 -21.69
CA TYR A 440 12.54 19.95 -21.71
C TYR A 440 11.58 20.88 -22.45
N LYS A 441 11.79 22.18 -22.29
CA LYS A 441 11.00 23.15 -23.05
C LYS A 441 11.50 23.17 -24.49
N GLU A 442 10.62 22.95 -25.41
CA GLU A 442 10.96 22.90 -26.80
C GLU A 442 11.65 24.14 -27.30
N ASP A 443 11.14 25.25 -26.89
CA ASP A 443 11.67 26.55 -27.21
C ASP A 443 12.86 26.99 -26.36
N GLU A 444 13.18 26.29 -25.28
CA GLU A 444 14.27 26.70 -24.43
C GLU A 444 14.76 25.49 -23.72
N PRO A 445 15.46 24.63 -24.42
CA PRO A 445 15.83 23.29 -23.97
C PRO A 445 16.65 23.15 -22.72
N ALA A 446 17.39 24.17 -22.38
CA ALA A 446 18.11 24.14 -21.15
C ALA A 446 17.17 24.14 -19.94
N ILE A 447 15.94 24.46 -20.12
CA ILE A 447 14.96 24.50 -19.04
C ILE A 447 13.98 23.37 -19.25
N SER A 448 13.55 22.73 -18.16
CA SER A 448 12.65 21.58 -18.26
C SER A 448 11.31 21.89 -17.60
N ASN A 449 10.32 21.07 -17.92
CA ASN A 449 9.00 21.19 -17.31
C ASN A 449 8.94 20.23 -16.13
N SER A 450 9.56 20.66 -15.03
CA SER A 450 9.82 19.86 -13.86
C SER A 450 9.43 20.68 -12.64
N TYR A 451 9.26 20.01 -11.49
CA TYR A 451 8.75 20.71 -10.31
C TYR A 451 9.11 19.90 -9.06
N ASP A 452 9.46 20.62 -8.01
CA ASP A 452 9.62 20.06 -6.66
C ASP A 452 8.68 20.79 -5.72
N PHE A 453 8.09 20.07 -4.76
CA PHE A 453 7.29 20.72 -3.72
C PHE A 453 8.10 20.70 -2.42
N PHE A 454 7.88 21.70 -1.58
CA PHE A 454 8.64 21.87 -0.36
C PHE A 454 7.72 22.07 0.84
N MET A 455 8.12 21.42 1.96
CA MET A 455 7.52 21.61 3.27
C MET A 455 8.61 22.03 4.24
N ARG A 456 8.37 23.15 4.95
CA ARG A 456 9.37 23.73 5.85
C ARG A 456 10.74 23.81 5.19
N GLY A 457 10.76 24.16 3.91
CA GLY A 457 12.01 24.37 3.19
C GLY A 457 12.71 23.12 2.72
N GLU A 458 12.09 21.95 2.81
CA GLU A 458 12.71 20.70 2.40
C GLU A 458 11.85 19.96 1.38
N GLU A 459 12.52 19.33 0.41
CA GLU A 459 11.82 18.67 -0.70
C GLU A 459 10.98 17.49 -0.22
N ILE A 460 9.69 17.46 -0.59
CA ILE A 460 8.82 16.32 -0.30
C ILE A 460 8.39 15.60 -1.57
N LEU A 461 8.40 16.29 -2.72
CA LEU A 461 7.86 15.75 -3.96
C LEU A 461 8.80 16.17 -5.08
N SER A 462 9.02 15.27 -6.02
CA SER A 462 9.73 15.61 -7.25
C SER A 462 8.98 15.02 -8.43
N GLY A 463 8.89 15.77 -9.53
CA GLY A 463 8.16 15.21 -10.66
C GLY A 463 8.40 16.02 -11.91
N SER A 464 7.72 15.63 -12.97
CA SER A 464 7.93 16.30 -14.26
C SER A 464 6.92 15.84 -15.29
N GLN A 465 6.65 16.73 -16.25
CA GLN A 465 6.21 16.29 -17.57
C GLN A 465 7.22 15.28 -18.10
N ARG A 466 6.73 14.21 -18.70
CA ARG A 466 7.59 13.16 -19.22
C ARG A 466 7.79 13.33 -20.72
N ILE A 467 8.90 12.81 -21.22
CA ILE A 467 9.08 12.71 -22.66
C ILE A 467 8.16 11.61 -23.16
N SER A 468 7.21 11.96 -24.02
CA SER A 468 6.22 11.00 -24.48
C SER A 468 6.33 10.78 -25.99
N ASP A 469 7.48 11.06 -26.57
CA ASP A 469 7.81 10.76 -27.96
C ASP A 469 9.00 9.82 -27.92
N VAL A 470 8.86 8.63 -28.53
CA VAL A 470 9.89 7.61 -28.36
C VAL A 470 11.23 8.06 -28.96
N ASN A 471 11.19 8.84 -30.04
CA ASN A 471 12.42 9.29 -30.67
C ASN A 471 13.11 10.36 -29.83
N LEU A 472 12.36 11.32 -29.28
CA LEU A 472 12.94 12.28 -28.35
C LEU A 472 13.47 11.58 -27.12
N LEU A 473 12.78 10.52 -26.67
CA LEU A 473 13.24 9.80 -25.49
C LEU A 473 14.57 9.11 -25.76
N LEU A 474 14.67 8.43 -26.91
CA LEU A 474 15.97 7.83 -27.27
C LEU A 474 17.07 8.88 -27.37
N GLU A 475 16.75 10.04 -27.97
CA GLU A 475 17.74 11.12 -28.06
C GLU A 475 18.19 11.56 -26.67
N ASN A 476 17.25 11.69 -25.72
CA ASN A 476 17.64 12.17 -24.40
C ASN A 476 18.42 11.11 -23.64
N ILE A 477 18.05 9.84 -23.83
CA ILE A 477 18.81 8.75 -23.21
C ILE A 477 20.25 8.77 -23.72
N LYS A 478 20.43 9.02 -24.97
CA LYS A 478 21.76 9.08 -25.48
C LYS A 478 22.44 10.30 -24.91
N ARG A 479 21.77 11.41 -24.89
CA ARG A 479 22.34 12.64 -24.36
C ARG A 479 22.84 12.46 -22.94
N PHE A 480 22.14 11.64 -22.15
CA PHE A 480 22.52 11.38 -20.77
C PHE A 480 23.52 10.22 -20.65
N ASN A 481 24.06 9.74 -21.76
CA ASN A 481 25.06 8.67 -21.77
CA ASN A 481 25.05 8.67 -21.78
C ASN A 481 24.53 7.44 -21.04
N LEU A 482 23.26 7.12 -21.25
CA LEU A 482 22.69 5.90 -20.71
C LEU A 482 22.56 4.85 -21.80
N ASP A 483 22.38 3.62 -21.37
CA ASP A 483 22.37 2.47 -22.29
C ASP A 483 20.93 2.25 -22.71
N ALA A 484 20.58 2.60 -23.91
CA ALA A 484 19.25 2.36 -24.35
C ALA A 484 18.92 0.91 -24.46
N ASN A 485 19.87 0.06 -24.75
CA ASN A 485 19.61 -1.33 -24.84
C ASN A 485 19.14 -1.93 -23.54
N LYS A 486 19.66 -1.51 -22.44
CA LYS A 486 19.22 -1.99 -21.18
C LYS A 486 17.86 -1.45 -20.81
N LEU A 487 17.44 -0.33 -21.39
CA LEU A 487 16.13 0.24 -21.05
C LEU A 487 15.04 -0.13 -22.06
N ASN A 488 15.30 -1.15 -22.88
CA ASN A 488 14.48 -1.41 -24.05
CA ASN A 488 14.48 -1.39 -24.06
C ASN A 488 13.03 -1.66 -23.67
N PHE A 489 12.80 -2.45 -22.62
CA PHE A 489 11.42 -2.77 -22.23
C PHE A 489 10.66 -1.51 -21.87
N TYR A 490 11.33 -0.55 -21.23
CA TYR A 490 10.70 0.73 -20.96
C TYR A 490 10.54 1.54 -22.24
N ILE A 491 11.60 1.61 -23.05
CA ILE A 491 11.56 2.47 -24.22
C ILE A 491 10.51 1.98 -25.20
N ASP A 492 10.46 0.66 -25.40
CA ASP A 492 9.49 0.06 -26.31
CA ASP A 492 9.49 0.07 -26.31
C ASP A 492 8.06 0.38 -25.90
N SER A 493 7.83 0.65 -24.61
CA SER A 493 6.44 0.93 -24.22
C SER A 493 5.95 2.25 -24.80
N PHE A 494 6.84 3.09 -25.32
CA PHE A 494 6.45 4.34 -25.96
C PHE A 494 6.31 4.20 -27.47
N ALA A 495 6.64 3.03 -28.02
CA ALA A 495 6.77 2.89 -29.47
C ALA A 495 5.45 2.59 -30.17
N TYR A 496 4.35 2.45 -29.43
CA TYR A 496 3.05 2.20 -30.04
C TYR A 496 2.07 3.28 -29.62
N SER A 497 2.50 4.55 -29.70
CA SER A 497 1.83 5.75 -29.22
C SER A 497 2.07 5.96 -27.73
N SER A 498 2.03 7.23 -27.30
CA SER A 498 2.20 7.57 -25.90
C SER A 498 1.37 8.81 -25.62
N TYR A 499 0.52 8.74 -24.61
CA TYR A 499 -0.25 9.91 -24.23
C TYR A 499 0.66 10.94 -23.57
N PRO A 500 0.36 12.23 -23.72
CA PRO A 500 1.06 13.23 -22.92
C PRO A 500 0.84 12.91 -21.45
N HIS A 501 1.91 12.92 -20.66
CA HIS A 501 1.73 12.56 -19.26
C HIS A 501 2.81 13.18 -18.39
N SER A 502 2.53 13.16 -17.10
CA SER A 502 3.42 13.69 -16.08
C SER A 502 3.28 12.83 -14.84
N GLY A 503 4.14 13.08 -13.86
CA GLY A 503 3.95 12.40 -12.60
C GLY A 503 4.84 12.94 -11.51
N CYS A 504 4.82 12.25 -10.38
CA CYS A 504 5.61 12.70 -9.22
C CYS A 504 5.85 11.53 -8.27
N GLY A 505 6.86 11.71 -7.43
CA GLY A 505 7.17 10.77 -6.37
C GLY A 505 7.34 11.55 -5.09
N ILE A 506 6.86 10.96 -3.98
CA ILE A 506 6.69 11.65 -2.71
C ILE A 506 7.25 10.76 -1.61
N GLY A 507 8.02 11.37 -0.71
CA GLY A 507 8.51 10.59 0.44
C GLY A 507 7.54 10.60 1.60
N LEU A 508 6.90 9.47 1.91
CA LEU A 508 5.88 9.44 2.98
C LEU A 508 6.47 9.87 4.33
N GLU A 509 7.61 9.27 4.71
CA GLU A 509 8.23 9.58 5.99
C GLU A 509 8.65 11.04 6.04
N ARG A 510 9.15 11.57 4.91
CA ARG A 510 9.57 12.96 4.87
C ARG A 510 8.38 13.91 5.02
N VAL A 511 7.25 13.61 4.33
CA VAL A 511 6.04 14.42 4.49
C VAL A 511 5.63 14.48 5.96
N LEU A 512 5.60 13.33 6.63
CA LEU A 512 5.16 13.31 8.03
C LEU A 512 6.15 14.06 8.94
N MET A 513 7.44 13.77 8.77
CA MET A 513 8.50 14.45 9.52
C MET A 513 8.37 15.98 9.42
N LEU A 514 8.19 16.48 8.19
CA LEU A 514 8.16 17.92 7.98
C LEU A 514 6.83 18.54 8.40
N PHE A 515 5.71 17.83 8.23
CA PHE A 515 4.46 18.34 8.77
C PHE A 515 4.55 18.54 10.26
N LEU A 516 5.12 17.57 10.98
CA LEU A 516 5.24 17.69 12.43
C LEU A 516 6.45 18.49 12.89
N GLY A 517 7.39 18.81 11.99
CA GLY A 517 8.61 19.48 12.39
C GLY A 517 9.57 18.64 13.20
N LEU A 518 9.57 17.32 13.00
CA LEU A 518 10.46 16.44 13.73
C LEU A 518 11.90 16.56 13.20
N ASN A 519 12.86 16.19 14.05
CA ASN A 519 14.25 16.49 13.75
C ASN A 519 14.96 15.39 12.96
N ASN A 520 14.28 14.29 12.68
CA ASN A 520 14.98 13.15 12.10
C ASN A 520 13.94 12.23 11.47
N ILE A 521 14.21 11.81 10.23
CA ILE A 521 13.30 10.91 9.52
C ILE A 521 13.19 9.56 10.20
N ARG A 522 14.13 9.21 11.09
CA ARG A 522 13.97 7.96 11.82
C ARG A 522 12.80 8.01 12.78
N LYS A 523 12.27 9.20 13.09
CA LYS A 523 11.08 9.27 13.91
C LYS A 523 9.80 8.92 13.15
N THR A 524 9.83 8.89 11.81
CA THR A 524 8.60 8.66 11.05
C THR A 524 8.70 7.42 10.15
N SER A 525 9.70 6.58 10.36
CA SER A 525 9.81 5.25 9.74
C SER A 525 9.78 4.22 10.85
N LEU A 526 8.92 3.21 10.73
CA LEU A 526 8.69 2.28 11.85
C LEU A 526 9.98 1.60 12.27
N PHE A 527 10.67 0.97 11.34
CA PHE A 527 11.92 0.27 11.65
C PHE A 527 12.93 0.77 10.63
N PRO A 528 13.62 1.87 10.94
CA PRO A 528 14.40 2.58 9.92
C PRO A 528 15.58 1.77 9.41
N ARG A 529 15.93 2.04 8.15
CA ARG A 529 17.09 1.46 7.50
C ARG A 529 18.02 2.58 7.07
N ASP A 530 19.28 2.51 7.52
CA ASP A 530 20.27 3.48 7.05
C ASP A 530 21.58 2.70 6.85
N PRO A 531 22.68 3.33 6.39
CA PRO A 531 23.86 2.52 6.03
C PRO A 531 24.43 1.71 7.19
N LYS A 532 24.10 2.06 8.44
CA LYS A 532 24.58 1.29 9.59
C LYS A 532 23.52 0.39 10.20
N ARG A 533 22.26 0.59 9.90
CA ARG A 533 21.19 -0.06 10.65
C ARG A 533 20.36 -0.95 9.74
N LEU A 534 20.49 -2.25 9.94
CA LEU A 534 19.66 -3.28 9.33
C LEU A 534 18.77 -3.97 10.35
N ILE A 535 18.93 -3.65 11.62
CA ILE A 535 18.31 -4.35 12.74
C ILE A 535 17.78 -3.28 13.69
N PRO A 536 16.56 -3.39 14.21
CA PRO A 536 15.60 -4.48 13.93
C PRO A 536 15.01 -4.41 12.53
N LYS B 7 5.53 11.88 -58.81
CA LYS B 7 4.28 11.69 -58.08
C LYS B 7 4.57 11.36 -56.61
N ASN B 8 5.56 12.05 -56.07
CA ASN B 8 5.99 11.91 -54.68
C ASN B 8 5.24 12.84 -53.74
N GLU B 9 4.27 13.62 -54.25
CA GLU B 9 3.42 14.39 -53.37
C GLU B 9 2.55 13.51 -52.50
N ALA B 10 2.32 12.25 -52.90
CA ALA B 10 1.52 11.34 -52.09
C ALA B 10 2.17 11.10 -50.73
N THR B 11 3.50 10.95 -50.71
CA THR B 11 4.19 10.76 -49.45
C THR B 11 4.09 12.01 -48.58
N LYS B 12 4.18 13.20 -49.20
CA LYS B 12 3.98 14.43 -48.44
C LYS B 12 2.57 14.52 -47.87
N VAL B 13 1.58 13.99 -48.59
CA VAL B 13 0.22 13.90 -48.05
C VAL B 13 0.19 12.97 -46.84
N LEU B 14 0.78 11.77 -46.99
CA LEU B 14 0.72 10.78 -45.92
C LEU B 14 1.39 11.29 -44.65
N GLU B 15 2.47 12.05 -44.79
CA GLU B 15 3.27 12.51 -43.65
C GLU B 15 2.91 13.91 -43.22
N HIS B 16 1.74 14.41 -43.64
CA HIS B 16 1.45 15.84 -43.52
C HIS B 16 1.43 16.29 -42.06
N VAL B 17 2.16 17.35 -41.77
CA VAL B 17 2.18 17.98 -40.49
C VAL B 17 1.34 19.22 -40.58
N CYS B 18 0.37 19.37 -39.72
CA CYS B 18 -0.53 20.46 -39.78
C CYS B 18 0.02 21.70 -39.14
N GLU B 19 0.15 22.76 -39.89
CA GLU B 19 0.67 23.96 -39.32
C GLU B 19 -0.33 24.97 -38.89
N ASP B 20 -1.60 24.78 -39.08
CA ASP B 20 -2.58 25.67 -38.48
C ASP B 20 -3.83 24.89 -38.32
N ILE B 21 -4.24 24.60 -37.12
CA ILE B 21 -5.42 23.85 -36.94
C ILE B 21 -6.71 24.53 -37.18
N ASN B 22 -6.70 25.84 -37.22
CA ASN B 22 -7.89 26.56 -37.53
C ASN B 22 -8.16 26.49 -39.04
N LYS B 23 -7.12 26.49 -39.84
CA LYS B 23 -7.26 26.46 -41.29
C LYS B 23 -7.44 25.05 -41.82
N GLU B 24 -6.84 24.05 -41.19
CA GLU B 24 -6.75 22.71 -41.72
C GLU B 24 -7.69 21.76 -40.98
N SER B 25 -7.88 20.58 -41.57
CA SER B 25 -8.80 19.58 -41.03
C SER B 25 -8.13 18.28 -40.63
N TYR B 26 -6.85 18.09 -40.94
CA TYR B 26 -6.18 16.84 -40.61
C TYR B 26 -4.68 17.06 -40.57
N GLY B 27 -3.97 16.10 -39.97
CA GLY B 27 -2.53 16.12 -39.99
C GLY B 27 -1.89 15.75 -38.67
N PHE B 28 -0.59 15.48 -38.69
CA PHE B 28 0.13 15.30 -37.45
C PHE B 28 0.36 16.67 -36.80
N VAL B 29 0.16 16.73 -35.48
CA VAL B 29 0.25 17.99 -34.75
C VAL B 29 1.00 17.76 -33.45
N LYS B 30 1.70 18.79 -33.03
CA LYS B 30 2.33 18.88 -31.74
C LYS B 30 1.27 19.40 -30.79
N ILE B 31 1.37 19.02 -29.55
CA ILE B 31 0.43 19.45 -28.56
C ILE B 31 0.33 20.96 -28.42
N SER B 32 1.44 21.64 -28.55
CA SER B 32 1.55 23.07 -28.51
C SER B 32 0.75 23.71 -29.62
N LYS B 33 0.69 23.09 -30.78
CA LYS B 33 -0.13 23.51 -31.86
C LYS B 33 -1.57 23.46 -31.58
N MET B 34 -2.03 22.51 -30.79
CA MET B 34 -3.44 22.43 -30.42
C MET B 34 -3.89 23.61 -29.62
N LYS B 35 -2.98 24.18 -28.85
CA LYS B 35 -3.16 25.39 -28.07
C LYS B 35 -3.53 26.57 -28.98
N GLU B 36 -3.01 26.64 -30.19
CA GLU B 36 -3.38 27.65 -31.16
C GLU B 36 -4.82 27.59 -31.65
N ASN B 37 -5.65 26.66 -31.19
CA ASN B 37 -7.04 26.65 -31.59
C ASN B 37 -7.71 27.96 -31.19
N GLU B 38 -8.54 28.50 -32.09
CA GLU B 38 -9.17 29.78 -31.83
C GLU B 38 -10.04 29.75 -30.59
N LYS B 39 -10.60 28.59 -30.27
CA LYS B 39 -11.42 28.41 -29.09
C LYS B 39 -10.76 27.42 -28.15
N GLU B 40 -10.96 27.63 -26.86
CA GLU B 40 -10.54 26.64 -25.86
C GLU B 40 -11.21 25.32 -26.20
N ILE B 41 -10.46 24.24 -26.03
CA ILE B 41 -10.95 22.91 -26.37
C ILE B 41 -11.38 22.22 -25.09
N ARG B 42 -12.65 21.82 -25.03
CA ARG B 42 -13.16 20.92 -24.00
C ARG B 42 -12.97 19.51 -24.54
N LEU B 43 -11.89 18.84 -24.12
CA LEU B 43 -11.54 17.53 -24.66
C LEU B 43 -12.21 16.44 -23.83
N PHE B 44 -13.03 15.63 -24.48
CA PHE B 44 -13.69 14.52 -23.79
C PHE B 44 -12.89 13.23 -23.98
N ASN B 45 -13.04 12.31 -23.02
CA ASN B 45 -12.60 10.93 -23.21
C ASN B 45 -13.81 10.01 -23.33
N LEU B 46 -13.57 8.78 -23.77
CA LEU B 46 -14.68 7.88 -24.06
C LEU B 46 -15.40 7.41 -22.79
N GLU B 47 -14.73 7.41 -21.64
CA GLU B 47 -15.42 7.06 -20.41
C GLU B 47 -16.52 8.08 -20.07
N GLU B 48 -16.19 9.37 -20.18
CA GLU B 48 -17.19 10.41 -19.97
C GLU B 48 -18.36 10.24 -20.93
N ILE B 49 -18.06 9.98 -22.19
CA ILE B 49 -19.12 9.84 -23.19
C ILE B 49 -20.00 8.64 -22.86
N TYR B 50 -19.37 7.52 -22.50
CA TYR B 50 -20.15 6.33 -22.14
C TYR B 50 -21.07 6.62 -20.96
N HIS B 51 -20.52 7.22 -19.90
CA HIS B 51 -21.34 7.41 -18.71
C HIS B 51 -22.44 8.44 -18.93
N SER B 52 -22.20 9.47 -19.76
CA SER B 52 -23.25 10.46 -20.00
C SER B 52 -24.33 9.92 -20.92
N LEU B 53 -23.96 9.15 -21.94
CA LEU B 53 -24.92 8.75 -22.95
C LEU B 53 -25.50 7.36 -22.76
N MET B 54 -24.77 6.44 -22.11
CA MET B 54 -25.15 5.04 -22.11
C MET B 54 -25.74 4.56 -20.79
N LYS B 55 -25.75 5.38 -19.74
CA LYS B 55 -26.31 4.95 -18.46
C LYS B 55 -27.50 5.81 -18.04
N ALA B 83 -26.49 15.78 -22.57
CA ALA B 83 -27.05 16.40 -23.77
C ALA B 83 -26.11 17.46 -24.33
N HIS B 84 -25.13 17.88 -23.53
CA HIS B 84 -24.09 18.75 -24.05
C HIS B 84 -23.39 18.11 -25.24
N LEU B 85 -23.16 16.79 -25.17
CA LEU B 85 -22.44 16.05 -26.19
C LEU B 85 -23.18 15.95 -27.52
N LEU B 86 -24.44 16.36 -27.57
CA LEU B 86 -25.26 16.12 -28.75
C LEU B 86 -25.70 17.40 -29.45
N GLN B 87 -25.41 18.57 -28.91
CA GLN B 87 -25.87 19.82 -29.50
C GLN B 87 -24.76 20.63 -30.13
N SER B 88 -23.57 20.06 -30.28
CA SER B 88 -22.45 20.78 -30.87
C SER B 88 -21.41 19.78 -31.32
N ASP B 89 -20.51 20.24 -32.19
CA ASP B 89 -19.24 19.55 -32.37
C ASP B 89 -18.59 19.37 -31.00
N ILE B 90 -18.01 18.19 -30.77
CA ILE B 90 -17.20 17.98 -29.59
C ILE B 90 -15.82 17.51 -30.03
N TRP B 91 -14.90 17.57 -29.08
CA TRP B 91 -13.55 17.05 -29.22
C TRP B 91 -13.41 15.81 -28.36
N VAL B 92 -12.81 14.77 -28.94
CA VAL B 92 -12.59 13.53 -28.22
C VAL B 92 -11.21 13.01 -28.59
N ARG B 93 -10.48 12.49 -27.60
CA ARG B 93 -9.19 11.85 -27.82
C ARG B 93 -9.34 10.34 -27.65
N GLY B 94 -8.57 9.58 -28.42
CA GLY B 94 -8.51 8.16 -28.14
C GLY B 94 -7.50 7.47 -29.02
N ARG B 95 -7.37 6.15 -28.82
CA ARG B 95 -6.48 5.35 -29.67
C ARG B 95 -7.26 4.71 -30.81
N ILE B 96 -6.63 4.62 -31.97
CA ILE B 96 -7.24 3.94 -33.13
C ILE B 96 -7.13 2.43 -32.88
N HIS B 97 -8.23 1.83 -32.44
CA HIS B 97 -8.30 0.39 -32.21
C HIS B 97 -8.39 -0.38 -33.52
N ASP B 98 -9.11 0.18 -34.49
CA ASP B 98 -9.35 -0.47 -35.75
C ASP B 98 -9.64 0.61 -36.80
N ILE B 99 -9.25 0.35 -38.03
CA ILE B 99 -9.51 1.31 -39.11
C ILE B 99 -9.70 0.55 -40.41
N ARG B 100 -10.70 0.96 -41.17
CA ARG B 100 -11.03 0.44 -42.50
C ARG B 100 -11.51 1.58 -43.41
N SER B 101 -11.17 1.58 -44.70
CA SER B 101 -11.60 2.62 -45.62
C SER B 101 -12.11 1.97 -46.90
N LYS B 102 -13.03 2.64 -47.57
CA LYS B 102 -13.55 2.19 -48.86
C LYS B 102 -14.09 3.37 -49.57
N GLY B 103 -13.41 3.78 -50.63
CA GLY B 103 -13.92 4.89 -51.36
C GLY B 103 -13.95 6.18 -50.62
N SER B 104 -15.13 6.65 -50.40
CA SER B 104 -15.28 7.89 -49.70
C SER B 104 -15.50 7.77 -48.21
N LEU B 105 -15.55 6.55 -47.69
CA LEU B 105 -15.76 6.33 -46.28
C LEU B 105 -14.61 5.64 -45.55
N ALA B 106 -14.29 6.16 -44.39
CA ALA B 106 -13.33 5.53 -43.47
C ALA B 106 -14.01 5.34 -42.12
N PHE B 107 -13.78 4.19 -41.50
CA PHE B 107 -14.35 3.84 -40.21
C PHE B 107 -13.22 3.58 -39.22
N ILE B 108 -13.23 4.29 -38.11
CA ILE B 108 -12.25 4.15 -37.04
C ILE B 108 -13.00 3.69 -35.80
N ILE B 109 -12.53 2.64 -35.15
CA ILE B 109 -12.97 2.33 -33.80
C ILE B 109 -12.00 3.01 -32.85
N LEU B 110 -12.49 3.96 -32.04
CA LEU B 110 -11.68 4.65 -31.05
C LEU B 110 -11.81 3.94 -29.71
N ARG B 111 -10.69 3.81 -28.99
CA ARG B 111 -10.63 3.04 -27.75
C ARG B 111 -10.03 3.86 -26.61
N HIS B 112 -10.57 3.64 -25.42
CA HIS B 112 -10.08 4.21 -24.16
C HIS B 112 -10.55 3.30 -23.04
N LYS B 113 -9.63 2.77 -22.23
CA LYS B 113 -9.96 1.86 -21.13
C LYS B 113 -10.77 0.68 -21.70
N LEU B 114 -11.98 0.41 -21.23
CA LEU B 114 -12.81 -0.66 -21.77
C LEU B 114 -13.91 -0.15 -22.69
N TYR B 115 -13.78 1.07 -23.20
CA TYR B 115 -14.79 1.72 -24.02
C TYR B 115 -14.30 1.89 -25.44
N SER B 116 -15.23 1.75 -26.39
CA SER B 116 -14.93 1.95 -27.80
C SER B 116 -16.11 2.62 -28.46
N MET B 117 -15.83 3.34 -29.53
CA MET B 117 -16.86 4.08 -30.24
C MET B 117 -16.46 4.21 -31.69
N GLN B 118 -17.41 4.00 -32.60
CA GLN B 118 -17.10 4.13 -34.02
C GLN B 118 -17.16 5.60 -34.43
N CYS B 119 -16.15 6.03 -35.20
CA CYS B 119 -16.08 7.34 -35.82
C CYS B 119 -15.98 7.14 -37.33
N ILE B 120 -16.63 8.02 -38.08
CA ILE B 120 -16.82 7.84 -39.51
C ILE B 120 -16.34 9.10 -40.20
N LEU B 121 -15.40 8.95 -41.13
CA LEU B 121 -15.02 10.01 -42.04
C LEU B 121 -15.74 9.79 -43.36
N ASP B 122 -16.55 10.77 -43.76
CA ASP B 122 -17.23 10.76 -45.05
C ASP B 122 -16.85 12.06 -45.76
N ILE B 123 -15.92 11.98 -46.71
CA ILE B 123 -15.30 13.20 -47.22
C ILE B 123 -16.23 13.97 -48.16
N LYS B 124 -17.44 13.45 -48.45
CA LYS B 124 -18.47 14.30 -49.03
C LYS B 124 -18.73 15.52 -48.14
N HIS B 125 -18.55 15.38 -46.83
CA HIS B 125 -18.71 16.47 -45.87
C HIS B 125 -17.41 17.15 -45.51
N ASN B 126 -16.33 16.86 -46.23
CA ASN B 126 -15.04 17.52 -46.03
C ASN B 126 -14.47 17.97 -47.38
N ASP B 127 -15.30 18.61 -48.20
CA ASP B 127 -14.90 19.21 -49.45
C ASP B 127 -14.41 18.20 -50.46
N ASN B 128 -14.85 16.93 -50.33
CA ASN B 128 -14.33 15.82 -51.13
C ASN B 128 -12.80 15.81 -51.17
N ASP B 129 -12.18 16.17 -50.06
CA ASP B 129 -10.73 16.16 -49.94
C ASP B 129 -10.27 14.71 -49.92
N LYS B 130 -9.85 14.20 -51.09
CA LYS B 130 -9.35 12.84 -51.16
C LYS B 130 -8.04 12.70 -50.40
N ASN B 131 -7.26 13.77 -50.31
CA ASN B 131 -6.00 13.74 -49.56
C ASN B 131 -6.27 13.51 -48.08
N MET B 132 -7.34 14.08 -47.55
CA MET B 132 -7.71 13.82 -46.16
C MET B 132 -8.03 12.34 -45.97
N MET B 133 -8.79 11.75 -46.90
CA MET B 133 -9.10 10.34 -46.81
C MET B 133 -7.83 9.50 -46.85
N LYS B 134 -6.86 9.90 -47.68
CA LYS B 134 -5.62 9.14 -47.79
C LYS B 134 -4.81 9.24 -46.49
N TRP B 135 -4.66 10.46 -45.97
CA TRP B 135 -3.93 10.63 -44.71
C TRP B 135 -4.59 9.86 -43.57
N VAL B 136 -5.90 9.98 -43.43
CA VAL B 136 -6.61 9.30 -42.35
C VAL B 136 -6.51 7.79 -42.50
N SER B 137 -6.77 7.30 -43.72
CA SER B 137 -6.79 5.87 -43.97
C SER B 137 -5.44 5.23 -43.70
N ASN B 138 -4.36 6.00 -43.81
CA ASN B 138 -2.99 5.53 -43.59
C ASN B 138 -2.54 5.57 -42.13
N LEU B 139 -3.36 6.05 -41.20
CA LEU B 139 -2.91 6.13 -39.80
C LEU B 139 -2.70 4.73 -39.24
N PRO B 140 -1.60 4.50 -38.59
CA PRO B 140 -1.41 3.18 -38.03
C PRO B 140 -2.23 2.92 -36.80
N LEU B 141 -2.51 1.66 -36.53
CA LEU B 141 -3.23 1.26 -35.37
C LEU B 141 -2.44 1.60 -34.10
N GLU B 142 -3.18 1.95 -33.08
CA GLU B 142 -2.75 2.41 -31.72
C GLU B 142 -2.37 3.88 -31.68
N SER B 143 -2.48 4.56 -32.82
CA SER B 143 -2.19 5.97 -32.83
C SER B 143 -3.19 6.76 -32.00
N ILE B 144 -2.75 7.82 -31.35
CA ILE B 144 -3.64 8.65 -30.53
C ILE B 144 -4.08 9.85 -31.36
N VAL B 145 -5.38 10.05 -31.48
CA VAL B 145 -5.91 11.14 -32.28
C VAL B 145 -6.89 11.98 -31.45
N ASP B 146 -6.94 13.27 -31.80
CA ASP B 146 -7.98 14.17 -31.35
C ASP B 146 -8.92 14.39 -32.52
N ILE B 147 -10.19 14.07 -32.30
CA ILE B 147 -11.21 14.16 -33.34
C ILE B 147 -12.17 15.26 -32.92
N LYS B 148 -12.49 16.15 -33.85
CA LYS B 148 -13.57 17.10 -33.70
C LYS B 148 -14.71 16.59 -34.59
N GLY B 149 -15.82 16.23 -33.96
CA GLY B 149 -16.90 15.68 -34.74
C GLY B 149 -18.23 15.82 -34.03
N LYS B 150 -19.28 15.32 -34.69
CA LYS B 150 -20.64 15.35 -34.16
C LYS B 150 -21.09 13.96 -33.76
N LEU B 151 -21.66 13.84 -32.57
CA LEU B 151 -22.20 12.55 -32.13
C LEU B 151 -23.62 12.38 -32.64
N SER B 152 -23.96 11.13 -32.97
CA SER B 152 -25.34 10.81 -33.30
C SER B 152 -25.56 9.32 -33.06
N LYS B 153 -26.83 8.95 -32.92
CA LYS B 153 -27.19 7.57 -32.64
C LYS B 153 -27.60 6.90 -33.94
N PRO B 154 -26.85 5.92 -34.43
CA PRO B 154 -27.25 5.28 -35.69
C PRO B 154 -28.42 4.33 -35.46
N GLU B 155 -29.19 4.11 -36.53
CA GLU B 155 -30.24 3.11 -36.47
C GLU B 155 -29.65 1.75 -36.10
N VAL B 156 -28.55 1.38 -36.72
CA VAL B 156 -27.88 0.10 -36.47
C VAL B 156 -26.48 0.35 -35.91
N PRO B 157 -26.32 0.45 -34.58
CA PRO B 157 -24.98 0.60 -34.03
C PRO B 157 -24.22 -0.71 -34.15
N ILE B 158 -22.91 -0.61 -34.37
CA ILE B 158 -22.15 -1.84 -34.51
C ILE B 158 -21.99 -2.51 -33.14
N ASP B 159 -21.82 -3.83 -33.17
CA ASP B 159 -21.94 -4.61 -31.96
C ASP B 159 -20.73 -4.48 -31.05
N SER B 160 -19.54 -4.27 -31.62
CA SER B 160 -18.33 -4.31 -30.79
C SER B 160 -18.21 -3.11 -29.88
N THR B 161 -18.74 -1.95 -30.27
CA THR B 161 -18.59 -0.73 -29.48
C THR B 161 -19.67 -0.66 -28.41
N ASN B 162 -19.26 -0.52 -27.14
CA ASN B 162 -20.25 -0.38 -26.08
C ASN B 162 -20.81 1.03 -25.97
N ILE B 163 -20.21 2.00 -26.63
CA ILE B 163 -20.85 3.29 -26.87
C ILE B 163 -21.67 3.16 -28.15
N LYS B 164 -22.99 3.27 -28.02
CA LYS B 164 -23.89 3.04 -29.13
C LYS B 164 -24.15 4.30 -29.93
N TYR B 165 -23.36 5.33 -29.71
CA TYR B 165 -23.34 6.51 -30.57
C TYR B 165 -22.11 6.45 -31.47
N GLU B 166 -22.13 7.27 -32.51
CA GLU B 166 -21.05 7.35 -33.46
C GLU B 166 -20.64 8.81 -33.61
N ALA B 167 -19.37 9.01 -33.94
CA ALA B 167 -18.85 10.36 -34.16
C ALA B 167 -18.59 10.53 -35.65
N HIS B 168 -19.20 11.56 -36.24
CA HIS B 168 -18.93 11.90 -37.63
C HIS B 168 -17.84 12.96 -37.65
N ILE B 169 -16.75 12.66 -38.35
CA ILE B 169 -15.49 13.36 -38.16
C ILE B 169 -15.51 14.66 -38.96
N ARG B 170 -15.33 15.79 -38.28
CA ARG B 170 -15.10 17.04 -39.00
C ARG B 170 -13.61 17.31 -39.16
N LYS B 171 -12.85 17.10 -38.09
CA LYS B 171 -11.40 17.24 -38.13
C LYS B 171 -10.77 16.08 -37.37
N ILE B 172 -9.56 15.72 -37.75
CA ILE B 172 -8.85 14.67 -37.01
C ILE B 172 -7.35 14.91 -37.07
N PHE B 173 -6.73 15.08 -35.90
CA PHE B 173 -5.29 15.33 -35.80
C PHE B 173 -4.65 14.24 -34.96
N CYS B 174 -3.46 13.80 -35.37
CA CYS B 174 -2.74 12.72 -34.70
C CYS B 174 -1.68 13.32 -33.80
N ILE B 175 -1.86 13.18 -32.48
CA ILE B 175 -0.87 13.74 -31.55
C ILE B 175 0.22 12.74 -31.17
N SER B 176 0.04 11.45 -31.47
CA SER B 176 1.12 10.50 -31.23
C SER B 176 0.91 9.36 -32.20
N LYS B 177 1.82 9.24 -33.17
CA LYS B 177 1.76 8.22 -34.20
C LYS B 177 2.49 6.97 -33.73
N THR B 178 1.87 5.81 -33.86
CA THR B 178 2.54 4.55 -33.61
C THR B 178 3.83 4.47 -34.42
N ALA B 179 4.92 4.21 -33.77
CA ALA B 179 6.21 4.13 -34.40
C ALA B 179 6.67 2.80 -34.90
N LYS B 180 6.34 1.75 -34.21
CA LYS B 180 6.71 0.41 -34.59
C LYS B 180 5.50 -0.44 -34.85
N GLU B 181 5.70 -1.48 -35.66
CA GLU B 181 4.63 -2.41 -35.91
C GLU B 181 4.35 -3.15 -34.61
N LEU B 182 3.12 -3.38 -34.28
CA LEU B 182 2.78 -4.06 -33.05
C LEU B 182 3.26 -5.51 -33.11
N PRO B 183 3.61 -6.10 -31.97
CA PRO B 183 4.11 -7.49 -31.98
C PRO B 183 3.01 -8.50 -32.26
N PHE B 184 1.75 -8.15 -32.01
CA PHE B 184 0.59 -8.97 -32.35
C PHE B 184 -0.60 -8.02 -32.46
N LEU B 185 -1.66 -8.48 -33.11
CA LEU B 185 -2.85 -7.67 -33.27
C LEU B 185 -3.69 -7.68 -32.00
N LEU B 186 -4.18 -6.50 -31.59
CA LEU B 186 -5.06 -6.48 -30.44
C LEU B 186 -6.36 -7.20 -30.73
N LYS B 187 -6.81 -7.20 -31.99
CA LYS B 187 -7.97 -8.00 -32.36
C LYS B 187 -7.75 -9.46 -31.98
N ASP B 188 -6.56 -9.99 -32.25
CA ASP B 188 -6.26 -11.37 -31.90
C ASP B 188 -6.10 -11.55 -30.39
N ALA B 189 -5.41 -10.62 -29.73
CA ALA B 189 -5.16 -10.76 -28.29
C ALA B 189 -6.44 -10.66 -27.46
N ASN B 190 -7.50 -10.05 -28.00
CA ASN B 190 -8.79 -9.95 -27.31
C ASN B 190 -9.65 -11.20 -27.47
N MET B 191 -9.34 -12.10 -28.40
CA MET B 191 -10.23 -13.20 -28.71
C MET B 191 -10.20 -14.28 -27.63
N LYS B 192 -11.37 -14.89 -27.41
CA LYS B 192 -11.41 -16.14 -26.67
C LYS B 192 -10.52 -17.19 -27.32
N GLU B 193 -9.81 -17.95 -26.51
CA GLU B 193 -8.93 -18.99 -27.03
C GLU B 193 -9.73 -20.26 -27.35
N THR B 194 -9.31 -20.98 -28.39
CA THR B 194 -10.09 -22.10 -28.90
C THR B 194 -9.24 -23.35 -29.11
N SER B 199 -7.78 -21.19 -33.93
CA SER B 199 -6.54 -21.01 -34.65
C SER B 199 -5.72 -19.96 -33.89
N ILE B 200 -6.03 -18.67 -34.07
CA ILE B 200 -5.32 -17.59 -33.38
C ILE B 200 -5.18 -17.63 -31.86
N LYS B 201 -3.98 -17.48 -31.42
CA LYS B 201 -3.72 -17.50 -30.04
C LYS B 201 -2.43 -16.75 -29.87
N VAL B 202 -2.43 -15.79 -28.99
CA VAL B 202 -1.25 -15.04 -28.63
C VAL B 202 -0.74 -15.64 -27.32
N ASN B 203 0.41 -16.30 -27.38
CA ASN B 203 0.86 -17.10 -26.26
C ASN B 203 1.39 -16.23 -25.14
N GLN B 204 1.45 -16.83 -23.94
CA GLN B 204 1.82 -16.08 -22.75
C GLN B 204 3.21 -15.46 -22.84
N ASP B 205 4.19 -16.19 -23.39
CA ASP B 205 5.53 -15.60 -23.43
C ASP B 205 5.55 -14.36 -24.34
N ASN B 206 4.87 -14.44 -25.48
CA ASN B 206 4.75 -13.30 -26.38
C ASN B 206 4.09 -12.12 -25.68
N ARG B 207 3.00 -12.38 -24.94
CA ARG B 207 2.29 -11.31 -24.25
C ARG B 207 3.15 -10.67 -23.16
N LEU B 208 3.79 -11.48 -22.33
CA LEU B 208 4.54 -10.91 -21.22
C LEU B 208 5.80 -10.22 -21.69
N ASN B 209 6.41 -10.68 -22.80
CA ASN B 209 7.51 -9.93 -23.39
C ASN B 209 7.04 -8.63 -24.02
N ASN B 210 5.74 -8.52 -24.32
CA ASN B 210 5.18 -7.30 -24.89
C ASN B 210 4.06 -6.77 -24.01
N ARG B 211 4.31 -6.77 -22.69
CA ARG B 211 3.28 -6.52 -21.69
C ARG B 211 2.54 -5.21 -21.87
N CYS B 212 3.23 -4.15 -22.32
CA CYS B 212 2.53 -2.88 -22.45
CA CYS B 212 2.57 -2.85 -22.49
C CYS B 212 1.57 -2.85 -23.64
N VAL B 213 1.69 -3.79 -24.58
CA VAL B 213 0.64 -3.99 -25.58
C VAL B 213 -0.44 -4.92 -25.04
N ASP B 214 0.00 -6.01 -24.41
CA ASP B 214 -0.94 -7.00 -23.86
C ASP B 214 -1.93 -6.36 -22.88
N LEU B 215 -1.47 -5.40 -22.09
CA LEU B 215 -2.33 -4.79 -21.08
C LEU B 215 -3.45 -3.95 -21.68
N ARG B 216 -3.43 -3.72 -22.98
CA ARG B 216 -4.48 -2.95 -23.64
C ARG B 216 -5.72 -3.78 -23.98
N THR B 217 -5.68 -5.11 -23.88
CA THR B 217 -6.89 -5.86 -24.14
C THR B 217 -7.95 -5.46 -23.12
N TYR B 218 -9.22 -5.59 -23.52
CA TYR B 218 -10.31 -5.18 -22.65
C TYR B 218 -10.31 -5.97 -21.35
N ALA B 219 -10.09 -7.29 -21.44
CA ALA B 219 -10.01 -8.11 -20.24
C ALA B 219 -8.84 -7.71 -19.34
N ASN B 220 -7.65 -7.46 -19.89
CA ASN B 220 -6.51 -7.17 -19.02
C ASN B 220 -6.67 -5.81 -18.33
N TYR B 221 -7.14 -4.80 -19.07
CA TYR B 221 -7.48 -3.54 -18.43
C TYR B 221 -8.42 -3.77 -17.24
N SER B 222 -9.48 -4.56 -17.49
CA SER B 222 -10.48 -4.79 -16.43
C SER B 222 -9.89 -5.56 -15.25
N ILE B 223 -9.03 -6.54 -15.50
CA ILE B 223 -8.40 -7.30 -14.43
C ILE B 223 -7.68 -6.35 -13.48
N PHE B 224 -6.91 -5.40 -14.02
CA PHE B 224 -6.11 -4.61 -13.08
C PHE B 224 -6.91 -3.48 -12.43
N CYS B 225 -8.02 -3.08 -13.05
CA CYS B 225 -8.99 -2.25 -12.32
C CYS B 225 -9.58 -3.02 -11.13
N LEU B 226 -9.88 -4.31 -11.32
CA LEU B 226 -10.43 -5.12 -10.24
C LEU B 226 -9.38 -5.38 -9.16
N GLN B 227 -8.11 -5.49 -9.53
CA GLN B 227 -7.06 -5.62 -8.52
C GLN B 227 -7.07 -4.40 -7.60
N SER B 228 -7.14 -3.21 -8.21
CA SER B 228 -7.18 -1.99 -7.40
C SER B 228 -8.42 -1.98 -6.51
N GLN B 229 -9.56 -2.43 -7.06
CA GLN B 229 -10.78 -2.57 -6.27
CA GLN B 229 -10.78 -2.56 -6.25
C GLN B 229 -10.56 -3.42 -5.02
N ILE B 230 -9.90 -4.57 -5.17
CA ILE B 230 -9.65 -5.44 -4.02
C ILE B 230 -8.83 -4.69 -2.96
N CYS B 231 -7.76 -4.00 -3.38
CA CYS B 231 -6.97 -3.26 -2.40
C CYS B 231 -7.79 -2.21 -1.66
N THR B 232 -8.64 -1.49 -2.39
CA THR B 232 -9.47 -0.43 -1.81
C THR B 232 -10.45 -1.01 -0.79
N ILE B 233 -11.14 -2.09 -1.17
CA ILE B 233 -12.15 -2.67 -0.29
C ILE B 233 -11.50 -3.22 0.97
N PHE B 234 -10.38 -3.94 0.81
CA PHE B 234 -9.61 -4.46 1.95
C PHE B 234 -9.24 -3.35 2.92
N LYS B 235 -8.58 -2.30 2.41
CA LYS B 235 -8.14 -1.24 3.31
C LYS B 235 -9.33 -0.52 3.95
N ASN B 236 -10.38 -0.23 3.18
CA ASN B 236 -11.49 0.52 3.75
C ASN B 236 -12.22 -0.27 4.82
N PHE B 237 -12.38 -1.58 4.62
CA PHE B 237 -12.99 -2.41 5.66
C PHE B 237 -12.17 -2.38 6.94
N LEU B 238 -10.84 -2.49 6.81
CA LEU B 238 -10.01 -2.51 8.01
C LEU B 238 -10.01 -1.15 8.69
N LEU B 239 -9.93 -0.07 7.91
CA LEU B 239 -9.98 1.27 8.49
C LEU B 239 -11.30 1.52 9.21
N GLU B 240 -12.42 1.06 8.63
CA GLU B 240 -13.70 1.23 9.30
C GLU B 240 -13.77 0.40 10.58
N ASN B 241 -12.94 -0.63 10.72
CA ASN B 241 -12.85 -1.39 11.95
C ASN B 241 -11.66 -1.01 12.84
N ASN B 242 -11.17 0.24 12.71
CA ASN B 242 -10.19 0.82 13.63
C ASN B 242 -8.78 0.27 13.45
N PHE B 243 -8.44 -0.29 12.29
CA PHE B 243 -7.06 -0.67 12.01
C PHE B 243 -6.26 0.55 11.56
N ILE B 244 -4.94 0.49 11.75
CA ILE B 244 -4.05 1.43 11.09
C ILE B 244 -3.19 0.68 10.08
N GLU B 245 -2.82 1.39 9.02
CA GLU B 245 -1.91 0.86 8.02
C GLU B 245 -0.47 1.05 8.49
N ILE B 246 0.36 0.02 8.31
CA ILE B 246 1.76 0.07 8.67
C ILE B 246 2.61 -0.24 7.44
N HIS B 247 3.86 0.20 7.49
CA HIS B 247 4.86 -0.04 6.46
C HIS B 247 6.13 -0.49 7.16
N THR B 248 6.49 -1.74 6.94
CA THR B 248 7.60 -2.38 7.64
C THR B 248 8.64 -2.79 6.61
N PRO B 249 9.91 -2.92 7.00
CA PRO B 249 10.97 -3.02 6.00
C PRO B 249 11.02 -4.35 5.28
N LYS B 250 11.45 -4.29 4.02
CA LYS B 250 11.68 -5.50 3.25
C LYS B 250 13.15 -5.90 3.22
N LEU B 251 14.06 -5.02 3.66
CA LEU B 251 15.45 -5.39 3.87
C LEU B 251 15.59 -5.89 5.31
N LEU B 252 16.03 -7.15 5.47
CA LEU B 252 16.03 -7.83 6.77
C LEU B 252 17.40 -8.38 7.09
N GLY B 253 17.70 -8.51 8.39
CA GLY B 253 18.89 -9.20 8.82
C GLY B 253 18.74 -10.71 8.94
N GLU B 254 17.50 -11.22 8.93
CA GLU B 254 17.20 -12.63 9.05
C GLU B 254 15.83 -12.90 8.43
N SER B 255 15.72 -14.02 7.72
CA SER B 255 14.52 -14.28 6.93
C SER B 255 13.28 -14.45 7.81
N SER B 256 12.15 -13.98 7.28
CA SER B 256 10.90 -14.01 8.05
C SER B 256 10.19 -15.36 7.99
N GLU B 257 10.37 -16.11 6.90
CA GLU B 257 9.71 -17.42 6.77
C GLU B 257 10.60 -18.63 6.48
N GLY B 258 11.91 -18.51 6.68
CA GLY B 258 12.78 -19.64 6.41
C GLY B 258 13.73 -19.40 5.28
N GLY B 259 15.00 -19.55 5.56
CA GLY B 259 16.08 -19.23 4.67
C GLY B 259 16.23 -19.94 3.34
N ALA B 260 15.65 -21.10 3.18
CA ALA B 260 15.81 -21.80 1.94
C ALA B 260 15.24 -21.01 0.76
N ASN B 261 14.12 -20.35 0.96
CA ASN B 261 13.54 -19.58 -0.06
C ASN B 261 13.63 -18.07 0.04
N ALA B 262 14.69 -17.55 0.61
CA ALA B 262 14.86 -16.11 0.78
C ALA B 262 15.95 -15.61 -0.15
N PHE B 263 15.69 -14.48 -0.82
CA PHE B 263 16.75 -13.80 -1.57
C PHE B 263 17.74 -13.17 -0.61
N GLN B 264 19.02 -13.34 -0.88
CA GLN B 264 20.07 -12.71 -0.08
C GLN B 264 20.49 -11.40 -0.70
N ILE B 265 20.94 -10.47 0.14
CA ILE B 265 21.46 -9.19 -0.31
C ILE B 265 22.64 -8.79 0.56
N ASN B 266 23.58 -8.08 -0.04
CA ASN B 266 24.67 -7.46 0.70
C ASN B 266 24.28 -6.01 0.97
N TYR B 267 24.06 -5.70 2.25
CA TYR B 267 23.57 -4.42 2.71
C TYR B 267 24.72 -3.75 3.44
N PHE B 268 25.50 -2.96 2.69
CA PHE B 268 26.65 -2.24 3.27
C PHE B 268 27.53 -3.19 4.08
N ASN B 269 27.93 -4.28 3.41
CA ASN B 269 28.80 -5.32 3.98
C ASN B 269 28.22 -5.96 5.23
N GLN B 270 26.91 -5.86 5.42
CA GLN B 270 26.15 -6.75 6.28
C GLN B 270 25.44 -7.77 5.38
N LYS B 271 25.19 -8.96 5.91
CA LYS B 271 24.50 -10.00 5.17
C LYS B 271 23.02 -9.95 5.53
N GLY B 272 22.17 -9.70 4.53
CA GLY B 272 20.76 -9.53 4.77
C GLY B 272 19.93 -10.36 3.79
N PHE B 273 18.63 -10.20 3.92
CA PHE B 273 17.66 -10.91 3.10
C PHE B 273 16.55 -9.96 2.72
N LEU B 274 15.86 -10.31 1.64
CA LEU B 274 14.58 -9.68 1.33
C LEU B 274 13.48 -10.37 2.13
N ALA B 275 12.51 -9.59 2.59
CA ALA B 275 11.41 -10.15 3.36
C ALA B 275 10.54 -11.06 2.50
N GLN B 276 10.32 -12.29 2.99
CA GLN B 276 9.30 -13.17 2.42
C GLN B 276 7.91 -12.81 2.91
N SER B 277 7.81 -11.99 3.96
CA SER B 277 6.55 -11.59 4.55
C SER B 277 6.85 -10.56 5.61
N PRO B 278 5.88 -9.77 6.02
CA PRO B 278 6.08 -8.87 7.16
C PRO B 278 5.80 -9.52 8.51
N GLN B 279 5.81 -10.86 8.56
CA GLN B 279 5.39 -11.59 9.76
C GLN B 279 6.02 -11.05 11.04
N LEU B 280 7.35 -10.97 11.06
CA LEU B 280 8.03 -10.57 12.29
C LEU B 280 7.61 -9.17 12.70
N TYR B 281 7.55 -8.24 11.74
CA TYR B 281 7.28 -6.85 12.08
C TYR B 281 5.82 -6.60 12.41
N LYS B 282 4.88 -7.27 11.75
CA LYS B 282 3.49 -7.01 12.11
C LYS B 282 3.20 -7.53 13.52
N GLN B 283 3.82 -8.67 13.90
CA GLN B 283 3.73 -9.06 15.30
C GLN B 283 4.44 -8.07 16.22
N MET B 284 5.60 -7.56 15.81
CA MET B 284 6.28 -6.58 16.66
C MET B 284 5.43 -5.33 16.87
N CYS B 285 4.64 -4.94 15.86
CA CYS B 285 3.77 -3.77 16.01
C CYS B 285 2.65 -4.07 17.01
N ILE B 286 2.10 -5.29 16.97
CA ILE B 286 1.12 -5.64 18.00
C ILE B 286 1.78 -5.66 19.39
N ASN B 287 2.99 -6.20 19.50
CA ASN B 287 3.70 -6.14 20.78
C ASN B 287 4.00 -4.71 21.21
N SER B 288 4.06 -3.78 20.27
CA SER B 288 4.29 -2.36 20.58
C SER B 288 3.00 -1.63 20.95
N GLY B 289 1.85 -2.27 20.89
CA GLY B 289 0.61 -1.66 21.32
C GLY B 289 -0.30 -1.14 20.23
N PHE B 290 -0.02 -1.40 18.95
CA PHE B 290 -0.84 -0.82 17.88
C PHE B 290 -2.19 -1.51 17.73
N ASP B 291 -2.34 -2.71 18.29
CA ASP B 291 -3.62 -3.38 18.51
C ASP B 291 -4.27 -3.99 17.26
N ARG B 292 -4.36 -3.22 16.16
CA ARG B 292 -4.94 -3.70 14.90
C ARG B 292 -4.17 -3.04 13.75
N VAL B 293 -3.44 -3.84 12.97
CA VAL B 293 -2.62 -3.30 11.90
C VAL B 293 -2.84 -4.10 10.62
N PHE B 294 -2.63 -3.43 9.49
CA PHE B 294 -2.56 -4.13 8.21
C PHE B 294 -1.47 -3.49 7.37
N GLU B 295 -0.97 -4.29 6.44
CA GLU B 295 0.02 -3.83 5.49
C GLU B 295 -0.34 -4.36 4.10
N VAL B 296 -0.14 -3.53 3.09
CA VAL B 296 -0.31 -3.92 1.69
C VAL B 296 1.03 -3.64 1.03
N ALA B 297 1.78 -4.69 0.68
CA ALA B 297 3.16 -4.41 0.30
C ALA B 297 3.74 -5.64 -0.40
N PRO B 298 4.78 -5.43 -1.22
CA PRO B 298 5.45 -6.57 -1.88
C PRO B 298 6.13 -7.47 -0.87
N VAL B 299 6.25 -8.75 -1.24
CA VAL B 299 7.15 -9.70 -0.60
C VAL B 299 7.88 -10.44 -1.69
N PHE B 300 8.98 -11.04 -1.30
CA PHE B 300 9.90 -11.68 -2.18
C PHE B 300 10.23 -13.11 -1.74
N ARG B 301 10.02 -14.06 -2.62
CA ARG B 301 10.23 -15.45 -2.35
C ARG B 301 11.02 -16.11 -3.45
N ALA B 302 12.12 -16.71 -3.10
CA ALA B 302 12.98 -17.41 -4.04
C ALA B 302 12.46 -18.83 -4.18
N GLU B 303 11.34 -18.95 -4.89
CA GLU B 303 10.57 -20.13 -5.13
C GLU B 303 11.29 -21.07 -6.03
N ASN B 304 11.37 -22.28 -5.51
CA ASN B 304 12.01 -23.37 -6.15
C ASN B 304 11.46 -23.76 -7.49
N SER B 305 10.24 -23.37 -7.77
CA SER B 305 9.53 -23.82 -8.89
C SER B 305 8.86 -22.77 -9.68
N ASN B 306 8.56 -23.14 -10.90
CA ASN B 306 7.95 -22.29 -11.90
C ASN B 306 6.57 -22.90 -12.14
N THR B 307 5.54 -22.36 -11.49
CA THR B 307 4.21 -22.95 -11.57
C THR B 307 3.20 -21.90 -11.97
N TYR B 308 1.98 -22.36 -12.24
CA TYR B 308 0.91 -21.49 -12.74
C TYR B 308 0.31 -20.59 -11.68
N ARG B 309 0.54 -20.88 -10.39
CA ARG B 309 -0.23 -20.20 -9.36
C ARG B 309 0.63 -19.49 -8.31
N HIS B 310 1.96 -19.42 -8.51
CA HIS B 310 2.82 -18.72 -7.57
C HIS B 310 3.87 -17.92 -8.31
N LEU B 311 4.32 -16.84 -7.68
CA LEU B 311 5.32 -15.93 -8.26
C LEU B 311 6.46 -15.74 -7.27
N CYS B 312 7.57 -15.15 -7.75
CA CYS B 312 8.72 -14.88 -6.90
C CYS B 312 8.63 -13.51 -6.25
N GLU B 313 7.75 -12.65 -6.74
CA GLU B 313 7.42 -11.41 -6.07
C GLU B 313 5.91 -11.28 -6.14
N TYR B 314 5.29 -10.92 -5.02
CA TYR B 314 3.84 -10.70 -5.11
C TYR B 314 3.45 -9.68 -4.05
N VAL B 315 2.19 -9.27 -4.09
CA VAL B 315 1.69 -8.27 -3.15
C VAL B 315 0.96 -8.99 -2.04
N SER B 316 1.48 -8.91 -0.83
CA SER B 316 0.86 -9.56 0.30
C SER B 316 -0.04 -8.56 1.03
N LEU B 317 -1.24 -9.01 1.35
CA LEU B 317 -2.15 -8.27 2.21
C LEU B 317 -2.10 -8.92 3.58
N ASP B 318 -1.63 -8.18 4.58
CA ASP B 318 -1.36 -8.76 5.89
C ASP B 318 -2.20 -8.08 6.93
N VAL B 319 -2.72 -8.87 7.87
CA VAL B 319 -3.49 -8.35 8.99
C VAL B 319 -2.93 -8.96 10.26
N GLU B 320 -2.86 -8.17 11.34
CA GLU B 320 -2.49 -8.69 12.65
C GLU B 320 -3.31 -7.92 13.69
N MET B 321 -3.85 -8.63 14.68
CA MET B 321 -4.74 -7.96 15.63
C MET B 321 -4.78 -8.72 16.95
N THR B 322 -5.24 -8.06 17.98
CA THR B 322 -5.41 -8.69 19.25
C THR B 322 -6.81 -9.32 19.36
N TYR B 323 -6.99 -10.23 20.30
CA TYR B 323 -8.30 -10.80 20.61
C TYR B 323 -8.45 -10.76 22.13
N LYS B 324 -9.69 -10.91 22.60
CA LYS B 324 -9.97 -10.86 23.99
C LYS B 324 -9.71 -12.14 24.72
N TYR B 325 -10.47 -13.16 24.37
CA TYR B 325 -10.36 -14.47 25.04
C TYR B 325 -10.28 -15.69 24.12
N ASP B 326 -10.65 -15.53 22.86
CA ASP B 326 -10.69 -16.66 21.93
C ASP B 326 -10.20 -16.15 20.58
N TYR B 327 -9.17 -16.79 20.03
CA TYR B 327 -8.68 -16.38 18.72
C TYR B 327 -9.77 -16.52 17.65
N LEU B 328 -10.78 -17.36 17.88
CA LEU B 328 -11.85 -17.47 16.89
C LEU B 328 -12.58 -16.15 16.68
N GLU B 329 -12.55 -15.24 17.68
CA GLU B 329 -13.05 -13.88 17.46
C GLU B 329 -12.43 -13.28 16.20
N ASN B 330 -11.10 -13.38 16.08
CA ASN B 330 -10.43 -12.82 14.92
C ASN B 330 -10.73 -13.62 13.66
N VAL B 331 -10.85 -14.96 13.79
CA VAL B 331 -11.12 -15.75 12.59
C VAL B 331 -12.44 -15.32 11.97
N HIS B 332 -13.46 -15.16 12.81
CA HIS B 332 -14.74 -14.67 12.32
C HIS B 332 -14.59 -13.29 11.70
N PHE B 333 -13.74 -12.45 12.30
CA PHE B 333 -13.48 -11.14 11.71
C PHE B 333 -12.86 -11.28 10.31
N TYR B 334 -11.83 -12.13 10.18
CA TYR B 334 -11.24 -12.26 8.85
C TYR B 334 -12.27 -12.80 7.87
N ASP B 335 -13.15 -13.68 8.35
CA ASP B 335 -14.18 -14.20 7.47
C ASP B 335 -15.12 -13.07 7.02
N SER B 336 -15.52 -12.20 7.95
CA SER B 336 -16.38 -11.09 7.56
CA SER B 336 -16.39 -11.09 7.56
C SER B 336 -15.69 -10.22 6.52
N MET B 337 -14.38 -10.05 6.65
CA MET B 337 -13.63 -9.22 5.71
C MET B 337 -13.75 -9.78 4.31
N PHE B 338 -13.56 -11.09 4.15
CA PHE B 338 -13.63 -11.65 2.81
C PHE B 338 -15.06 -11.64 2.29
N LYS B 339 -16.05 -11.87 3.16
CA LYS B 339 -17.42 -11.81 2.65
C LYS B 339 -17.70 -10.41 2.17
N HIS B 340 -17.18 -9.41 2.90
CA HIS B 340 -17.37 -8.04 2.48
C HIS B 340 -16.70 -7.79 1.13
N ILE B 341 -15.47 -8.30 0.96
CA ILE B 341 -14.78 -8.13 -0.31
C ILE B 341 -15.60 -8.74 -1.44
N PHE B 342 -16.12 -9.96 -1.21
CA PHE B 342 -16.87 -10.58 -2.31
C PHE B 342 -18.13 -9.79 -2.58
N THR B 343 -18.76 -9.29 -1.52
CA THR B 343 -19.99 -8.55 -1.70
C THR B 343 -19.75 -7.33 -2.53
N GLU B 344 -18.66 -6.60 -2.23
CA GLU B 344 -18.43 -5.35 -2.92
C GLU B 344 -17.95 -5.62 -4.33
N LEU B 345 -17.19 -6.70 -4.53
CA LEU B 345 -16.73 -6.97 -5.89
C LEU B 345 -17.89 -7.37 -6.79
N SER B 346 -18.92 -7.97 -6.20
CA SER B 346 -20.01 -8.57 -6.95
C SER B 346 -21.17 -7.61 -7.17
N LYS B 347 -21.08 -6.41 -6.70
CA LYS B 347 -22.17 -5.49 -6.81
C LYS B 347 -22.48 -5.01 -8.17
N GLY B 348 -23.62 -4.36 -8.37
CA GLY B 348 -23.97 -3.80 -9.66
C GLY B 348 -23.10 -2.58 -10.00
N GLY B 349 -23.22 -2.14 -11.25
CA GLY B 349 -22.54 -0.92 -11.67
C GLY B 349 -21.19 -1.19 -12.31
N LYS B 350 -20.21 -0.48 -11.87
CA LYS B 350 -18.90 -0.56 -12.43
C LYS B 350 -18.20 -1.90 -12.31
N ASN B 351 -18.24 -2.45 -11.14
CA ASN B 351 -17.58 -3.74 -10.94
C ASN B 351 -18.24 -4.81 -11.78
N GLU B 352 -19.55 -4.74 -11.95
CA GLU B 352 -20.21 -5.74 -12.77
C GLU B 352 -19.77 -5.64 -14.23
N MET B 353 -19.58 -4.41 -14.73
CA MET B 353 -19.08 -4.25 -16.08
C MET B 353 -17.65 -4.74 -16.22
N LEU B 354 -16.79 -4.46 -15.22
CA LEU B 354 -15.42 -4.98 -15.25
C LEU B 354 -15.40 -6.50 -15.31
N ILE B 355 -16.19 -7.15 -14.44
CA ILE B 355 -16.21 -8.61 -14.41
C ILE B 355 -16.75 -9.15 -15.73
N LYS B 356 -17.88 -8.61 -16.21
CA LYS B 356 -18.43 -9.02 -17.50
C LYS B 356 -17.39 -8.91 -18.62
N THR B 357 -16.57 -7.85 -18.61
CA THR B 357 -15.56 -7.66 -19.65
C THR B 357 -14.47 -8.73 -19.56
N VAL B 358 -14.05 -9.08 -18.34
CA VAL B 358 -13.09 -10.18 -18.20
C VAL B 358 -13.69 -11.48 -18.72
N LYS B 359 -14.94 -11.78 -18.31
CA LYS B 359 -15.58 -13.04 -18.68
C LYS B 359 -15.85 -13.13 -20.17
N GLY B 360 -15.99 -11.98 -20.85
CA GLY B 360 -16.16 -12.00 -22.29
C GLY B 360 -15.03 -12.74 -22.98
N GLN B 361 -13.81 -12.57 -22.49
CA GLN B 361 -12.68 -13.31 -23.06
C GLN B 361 -12.36 -14.60 -22.31
N TYR B 362 -12.55 -14.61 -20.98
CA TYR B 362 -12.15 -15.74 -20.13
C TYR B 362 -13.37 -16.19 -19.33
N PRO B 363 -14.26 -16.96 -19.93
CA PRO B 363 -15.52 -17.29 -19.26
C PRO B 363 -15.31 -18.13 -18.02
N CYS B 364 -16.13 -17.87 -17.01
CA CYS B 364 -16.13 -18.62 -15.76
C CYS B 364 -17.39 -18.30 -14.99
N GLU B 365 -17.96 -19.34 -14.37
CA GLU B 365 -19.09 -19.20 -13.46
C GLU B 365 -18.83 -18.12 -12.40
N ASP B 366 -19.85 -17.31 -12.11
CA ASP B 366 -19.76 -16.30 -11.06
C ASP B 366 -19.24 -16.91 -9.76
N PHE B 367 -18.39 -16.17 -9.07
CA PHE B 367 -17.90 -16.60 -7.77
C PHE B 367 -19.05 -16.60 -6.76
N GLN B 368 -19.20 -17.71 -6.02
CA GLN B 368 -20.31 -17.88 -5.10
C GLN B 368 -19.81 -18.09 -3.68
N TRP B 369 -20.54 -17.51 -2.72
CA TRP B 369 -20.26 -17.72 -1.31
C TRP B 369 -21.57 -17.65 -0.53
N LEU B 370 -21.57 -18.30 0.64
CA LEU B 370 -22.77 -18.45 1.42
C LEU B 370 -22.90 -17.32 2.45
N GLU B 371 -24.13 -17.12 2.93
CA GLU B 371 -24.34 -16.17 4.02
C GLU B 371 -23.56 -16.59 5.26
N GLU B 372 -23.39 -17.90 5.47
CA GLU B 372 -22.60 -18.41 6.58
C GLU B 372 -21.51 -19.31 6.02
N THR B 373 -20.26 -18.92 6.23
CA THR B 373 -19.13 -19.62 5.62
C THR B 373 -18.95 -21.00 6.23
N PRO B 374 -18.84 -22.05 5.43
CA PRO B 374 -18.50 -23.36 6.00
C PRO B 374 -17.10 -23.36 6.60
N ILE B 375 -16.99 -23.96 7.77
CA ILE B 375 -15.70 -24.12 8.46
C ILE B 375 -15.51 -25.61 8.72
N PHE B 376 -14.41 -26.17 8.23
CA PHE B 376 -14.06 -27.56 8.50
C PHE B 376 -12.77 -27.60 9.30
N THR B 377 -12.67 -28.56 10.23
CA THR B 377 -11.35 -28.84 10.76
C THR B 377 -10.53 -29.58 9.69
N TYR B 378 -9.21 -29.49 9.84
CA TYR B 378 -8.31 -30.22 8.93
C TYR B 378 -8.64 -31.71 8.91
N GLU B 379 -8.86 -32.29 10.08
CA GLU B 379 -9.23 -33.69 10.15
C GLU B 379 -10.53 -33.97 9.40
N GLU B 380 -11.54 -33.10 9.57
CA GLU B 380 -12.79 -33.26 8.84
C GLU B 380 -12.56 -33.19 7.34
N ALA B 381 -11.69 -32.28 6.90
CA ALA B 381 -11.43 -32.13 5.47
C ALA B 381 -10.77 -33.38 4.89
N ILE B 382 -9.76 -33.90 5.60
CA ILE B 382 -9.12 -35.13 5.16
C ILE B 382 -10.12 -36.28 5.12
N LYS B 383 -10.99 -36.36 6.14
CA LYS B 383 -11.97 -37.45 6.17
C LYS B 383 -12.99 -37.31 5.04
N MET B 384 -13.29 -36.08 4.62
CA MET B 384 -14.11 -35.89 3.42
C MET B 384 -13.40 -36.42 2.19
N LEU B 385 -12.11 -36.13 2.06
CA LEU B 385 -11.36 -36.69 0.93
C LEU B 385 -11.35 -38.22 0.97
N ILE B 386 -11.23 -38.80 2.17
CA ILE B 386 -11.24 -40.26 2.30
C ILE B 386 -12.59 -40.83 1.89
N GLN B 387 -13.67 -40.20 2.37
CA GLN B 387 -15.01 -40.67 2.06
C GLN B 387 -15.29 -40.63 0.57
N HIS B 388 -14.74 -39.67 -0.15
CA HIS B 388 -14.90 -39.60 -1.59
C HIS B 388 -13.85 -40.42 -2.34
N GLY B 389 -13.08 -41.24 -1.63
CA GLY B 389 -12.13 -42.11 -2.30
C GLY B 389 -10.92 -41.42 -2.89
N LYS B 390 -10.62 -40.18 -2.48
CA LYS B 390 -9.46 -39.46 -3.00
C LYS B 390 -8.19 -39.75 -2.23
N LEU B 391 -8.32 -40.20 -0.98
CA LEU B 391 -7.21 -40.52 -0.12
C LEU B 391 -7.54 -41.80 0.61
N HIS B 392 -6.51 -42.53 0.99
CA HIS B 392 -6.65 -43.73 1.81
C HIS B 392 -5.66 -43.58 2.96
N LEU B 393 -6.19 -43.18 4.11
CA LEU B 393 -5.40 -42.94 5.29
C LEU B 393 -6.13 -43.59 6.46
N LYS B 394 -5.37 -44.19 7.36
CA LYS B 394 -5.94 -44.64 8.62
C LYS B 394 -6.02 -43.46 9.59
N GLU B 395 -6.82 -43.66 10.64
CA GLU B 395 -7.03 -42.60 11.64
C GLU B 395 -5.70 -42.07 12.17
N GLU B 396 -4.78 -42.96 12.50
CA GLU B 396 -3.52 -42.56 13.11
C GLU B 396 -2.57 -41.91 12.10
N GLU B 397 -2.94 -41.81 10.83
CA GLU B 397 -2.13 -41.17 9.79
C GLU B 397 -2.64 -39.80 9.34
N ILE B 398 -3.81 -39.37 9.82
CA ILE B 398 -4.43 -38.18 9.24
C ILE B 398 -3.64 -36.92 9.57
N LEU B 399 -3.23 -36.77 10.84
CA LEU B 399 -2.53 -35.55 11.23
C LEU B 399 -1.13 -35.49 10.64
N ALA B 400 -0.53 -36.65 10.33
CA ALA B 400 0.77 -36.68 9.69
C ALA B 400 0.70 -36.39 8.20
N TYR B 401 -0.50 -36.37 7.61
CA TYR B 401 -0.63 -36.15 6.18
C TYR B 401 -0.65 -34.65 5.90
N ASP B 402 0.18 -34.22 4.95
CA ASP B 402 0.30 -32.82 4.59
C ASP B 402 -0.42 -32.61 3.26
N MET B 403 -1.61 -32.01 3.30
CA MET B 403 -2.49 -32.00 2.14
C MET B 403 -1.87 -31.23 0.98
N SER B 404 -1.76 -31.90 -0.18
CA SER B 404 -1.15 -31.30 -1.35
C SER B 404 -2.11 -30.27 -1.97
N THR B 405 -1.57 -29.45 -2.88
CA THR B 405 -2.42 -28.49 -3.57
C THR B 405 -3.42 -29.20 -4.48
N ASP B 406 -3.04 -30.32 -5.09
CA ASP B 406 -3.98 -31.09 -5.90
C ASP B 406 -5.14 -31.60 -5.05
N MET B 407 -4.85 -32.08 -3.86
CA MET B 407 -5.91 -32.56 -2.98
C MET B 407 -6.75 -31.41 -2.45
N GLU B 408 -6.15 -30.23 -2.22
CA GLU B 408 -6.95 -29.06 -1.86
C GLU B 408 -7.93 -28.71 -2.98
N LYS B 409 -7.54 -28.91 -4.20
CA LYS B 409 -8.40 -28.67 -5.30
C LYS B 409 -9.53 -29.69 -5.40
N GLU B 410 -9.20 -30.95 -5.19
CA GLU B 410 -10.23 -31.99 -5.14
C GLU B 410 -11.24 -31.72 -4.03
N LEU B 411 -10.74 -31.24 -2.88
CA LEU B 411 -11.64 -30.88 -1.78
C LEU B 411 -12.54 -29.73 -2.20
N GLY B 412 -11.98 -28.73 -2.90
CA GLY B 412 -12.79 -27.64 -3.40
C GLY B 412 -13.93 -28.10 -4.29
N LYS B 413 -13.67 -29.09 -5.16
CA LYS B 413 -14.76 -29.61 -5.97
C LYS B 413 -15.80 -30.34 -5.11
N ILE B 414 -15.34 -31.10 -4.12
CA ILE B 414 -16.29 -31.79 -3.23
C ILE B 414 -17.18 -30.78 -2.52
N VAL B 415 -16.59 -29.70 -2.01
CA VAL B 415 -17.33 -28.73 -1.21
C VAL B 415 -18.23 -27.89 -2.10
N LYS B 416 -17.79 -27.58 -3.32
CA LYS B 416 -18.68 -26.92 -4.27
C LYS B 416 -19.92 -27.77 -4.51
N ALA B 417 -19.74 -29.08 -4.68
CA ALA B 417 -20.91 -29.93 -4.93
C ALA B 417 -21.78 -30.08 -3.69
N SER B 418 -21.18 -30.15 -2.50
CA SER B 418 -21.99 -30.45 -1.32
C SER B 418 -22.56 -29.22 -0.63
N HIS B 419 -21.85 -28.09 -0.67
CA HIS B 419 -22.19 -26.87 0.04
C HIS B 419 -22.52 -25.71 -0.90
N HIS B 420 -22.30 -25.87 -2.21
CA HIS B 420 -22.70 -24.89 -3.22
C HIS B 420 -22.02 -23.55 -2.99
N THR B 421 -20.74 -23.58 -2.68
CA THR B 421 -19.97 -22.36 -2.46
C THR B 421 -18.56 -22.57 -2.99
N ASP B 422 -17.95 -21.47 -3.41
CA ASP B 422 -16.55 -21.44 -3.82
C ASP B 422 -15.63 -20.99 -2.70
N TYR B 423 -16.15 -20.78 -1.49
CA TYR B 423 -15.37 -20.13 -0.44
C TYR B 423 -15.58 -20.89 0.86
N TYR B 424 -14.48 -21.32 1.48
CA TYR B 424 -14.63 -21.97 2.78
C TYR B 424 -13.32 -21.89 3.56
N ILE B 425 -13.39 -22.36 4.80
CA ILE B 425 -12.31 -22.18 5.78
C ILE B 425 -11.95 -23.55 6.34
N ILE B 426 -10.65 -23.79 6.47
CA ILE B 426 -10.15 -24.96 7.20
C ILE B 426 -9.39 -24.45 8.42
N ILE B 427 -9.70 -25.01 9.58
CA ILE B 427 -9.03 -24.65 10.83
C ILE B 427 -8.36 -25.88 11.41
N ASN B 428 -7.49 -25.65 12.40
CA ASN B 428 -6.89 -26.73 13.20
C ASN B 428 -5.97 -27.60 12.36
N PHE B 429 -5.08 -26.98 11.60
CA PHE B 429 -4.04 -27.73 10.91
C PHE B 429 -3.11 -28.41 11.91
N PRO B 430 -2.43 -29.48 11.51
CA PRO B 430 -1.45 -30.10 12.43
C PRO B 430 -0.30 -29.15 12.73
N SER B 431 0.04 -29.07 14.02
CA SER B 431 1.10 -28.18 14.50
C SER B 431 2.40 -28.37 13.74
N ALA B 432 2.79 -29.63 13.50
CA ALA B 432 4.06 -29.90 12.86
C ALA B 432 4.13 -29.36 11.44
N LEU B 433 2.99 -29.05 10.84
CA LEU B 433 2.92 -28.59 9.45
C LEU B 433 2.75 -27.07 9.33
N ARG B 434 2.88 -26.33 10.43
CA ARG B 434 2.68 -24.89 10.45
C ARG B 434 3.94 -24.19 10.99
N PRO B 435 4.07 -22.89 10.76
CA PRO B 435 5.33 -22.20 11.13
C PRO B 435 5.52 -22.10 12.63
N PHE B 436 6.75 -21.74 13.02
CA PHE B 436 7.15 -21.77 14.43
C PHE B 436 6.34 -20.79 15.30
N TYR B 437 5.78 -19.75 14.71
CA TYR B 437 5.03 -18.75 15.47
C TYR B 437 3.58 -19.16 15.68
N THR B 438 3.17 -20.33 15.18
CA THR B 438 1.79 -20.79 15.34
C THR B 438 1.61 -21.40 16.72
N MET B 439 0.58 -20.95 17.43
CA MET B 439 0.28 -21.53 18.74
C MET B 439 -0.45 -22.86 18.57
N TYR B 440 0.00 -23.87 19.29
CA TYR B 440 -0.64 -25.18 19.30
C TYR B 440 -1.73 -25.20 20.37
N LYS B 441 -2.61 -26.18 20.30
CA LYS B 441 -3.59 -26.38 21.36
C LYS B 441 -2.89 -27.04 22.54
N GLU B 442 -2.87 -26.39 23.68
CA GLU B 442 -2.19 -26.93 24.82
C GLU B 442 -2.74 -28.25 25.30
N ASP B 443 -4.01 -28.52 25.08
CA ASP B 443 -4.58 -29.79 25.50
C ASP B 443 -4.51 -30.88 24.42
N GLU B 444 -4.29 -30.54 23.14
CA GLU B 444 -3.92 -31.52 22.13
C GLU B 444 -2.90 -30.90 21.20
N PRO B 445 -1.61 -30.99 21.56
CA PRO B 445 -0.58 -30.16 20.90
C PRO B 445 -0.26 -30.57 19.48
N ALA B 446 -0.74 -31.73 19.03
CA ALA B 446 -0.55 -32.09 17.63
C ALA B 446 -1.37 -31.19 16.71
N ILE B 447 -2.37 -30.50 17.25
CA ILE B 447 -3.26 -29.62 16.51
C ILE B 447 -2.90 -28.18 16.85
N SER B 448 -3.07 -27.26 15.89
CA SER B 448 -2.73 -25.85 16.10
C SER B 448 -3.96 -24.98 15.90
N ASN B 449 -3.93 -23.77 16.49
CA ASN B 449 -5.00 -22.80 16.31
C ASN B 449 -4.68 -21.97 15.07
N SER B 450 -4.84 -22.62 13.92
CA SER B 450 -4.39 -22.13 12.64
C SER B 450 -5.55 -22.22 11.66
N TYR B 451 -5.46 -21.51 10.54
CA TYR B 451 -6.57 -21.49 9.59
C TYR B 451 -6.05 -21.07 8.23
N ASP B 452 -6.62 -21.66 7.18
CA ASP B 452 -6.45 -21.25 5.80
C ASP B 452 -7.83 -20.99 5.20
N PHE B 453 -7.93 -20.01 4.32
CA PHE B 453 -9.17 -19.74 3.59
C PHE B 453 -8.94 -20.14 2.13
N PHE B 454 -10.01 -20.61 1.49
CA PHE B 454 -9.92 -21.13 0.14
C PHE B 454 -10.95 -20.48 -0.78
N MET B 455 -10.51 -20.23 -2.02
CA MET B 455 -11.36 -19.80 -3.12
C MET B 455 -11.20 -20.77 -4.28
N ARG B 456 -12.31 -21.31 -4.77
CA ARG B 456 -12.28 -22.33 -5.82
C ARG B 456 -11.27 -23.44 -5.49
N GLY B 457 -11.24 -23.84 -4.22
CA GLY B 457 -10.37 -24.91 -3.80
C GLY B 457 -8.91 -24.58 -3.64
N GLU B 458 -8.50 -23.31 -3.74
CA GLU B 458 -7.09 -22.97 -3.65
C GLU B 458 -6.87 -21.95 -2.53
N GLU B 459 -5.72 -22.08 -1.86
CA GLU B 459 -5.42 -21.28 -0.67
C GLU B 459 -5.23 -19.81 -1.03
N ILE B 460 -5.99 -18.92 -0.40
CA ILE B 460 -5.81 -17.48 -0.57
C ILE B 460 -5.27 -16.80 0.69
N LEU B 461 -5.49 -17.40 1.87
CA LEU B 461 -5.15 -16.80 3.15
C LEU B 461 -4.58 -17.88 4.05
N SER B 462 -3.56 -17.52 4.83
CA SER B 462 -3.04 -18.42 5.83
C SER B 462 -2.75 -17.60 7.08
N GLY B 463 -3.04 -18.16 8.25
CA GLY B 463 -2.83 -17.38 9.46
C GLY B 463 -2.97 -18.25 10.69
N SER B 464 -2.81 -17.60 11.85
CA SER B 464 -2.92 -18.38 13.09
C SER B 464 -3.00 -17.44 14.29
N GLN B 465 -3.56 -17.98 15.37
CA GLN B 465 -3.20 -17.51 16.70
C GLN B 465 -1.69 -17.57 16.85
N ARG B 466 -1.09 -16.54 17.42
CA ARG B 466 0.36 -16.50 17.59
C ARG B 466 0.76 -16.98 18.97
N ILE B 467 1.98 -17.51 19.06
CA ILE B 467 2.57 -17.74 20.37
C ILE B 467 2.89 -16.38 20.97
N SER B 468 2.23 -16.05 22.08
CA SER B 468 2.44 -14.75 22.71
C SER B 468 3.09 -14.88 24.08
N ASP B 469 3.65 -16.03 24.40
CA ASP B 469 4.43 -16.21 25.61
C ASP B 469 5.89 -16.42 25.18
N VAL B 470 6.79 -15.56 25.67
CA VAL B 470 8.16 -15.56 25.17
C VAL B 470 8.85 -16.89 25.44
N ASN B 471 8.55 -17.54 26.57
CA ASN B 471 9.17 -18.81 26.86
C ASN B 471 8.66 -19.92 25.94
N LEU B 472 7.34 -19.96 25.69
CA LEU B 472 6.82 -20.91 24.72
C LEU B 472 7.38 -20.62 23.33
N LEU B 473 7.58 -19.35 22.99
CA LEU B 473 8.11 -19.02 21.67
C LEU B 473 9.53 -19.55 21.52
N LEU B 474 10.38 -19.32 22.52
CA LEU B 474 11.74 -19.84 22.47
C LEU B 474 11.75 -21.37 22.36
N GLU B 475 10.87 -22.04 23.11
CA GLU B 475 10.80 -23.50 22.99
C GLU B 475 10.38 -23.94 21.59
N ASN B 476 9.40 -23.26 20.98
CA ASN B 476 8.95 -23.68 19.65
C ASN B 476 10.01 -23.38 18.59
N ILE B 477 10.74 -22.28 18.76
CA ILE B 477 11.86 -22.01 17.87
C ILE B 477 12.88 -23.13 17.95
N LYS B 478 13.16 -23.60 19.16
CA LYS B 478 14.07 -24.73 19.33
C LYS B 478 13.50 -25.99 18.68
N ARG B 479 12.20 -26.20 18.84
CA ARG B 479 11.54 -27.39 18.30
C ARG B 479 11.60 -27.42 16.79
N PHE B 480 11.59 -26.26 16.14
CA PHE B 480 11.75 -26.16 14.69
C PHE B 480 13.20 -25.95 14.27
N ASN B 481 14.15 -26.12 15.19
CA ASN B 481 15.58 -26.04 14.90
C ASN B 481 15.93 -24.74 14.15
N LEU B 482 15.44 -23.63 14.67
CA LEU B 482 15.78 -22.32 14.14
C LEU B 482 16.78 -21.62 15.07
N ASP B 483 17.29 -20.48 14.62
CA ASP B 483 18.35 -19.78 15.34
C ASP B 483 17.76 -18.60 16.10
N ALA B 484 17.64 -18.76 17.41
CA ALA B 484 17.09 -17.72 18.27
C ALA B 484 17.92 -16.43 18.20
N ASN B 485 19.22 -16.54 17.96
CA ASN B 485 20.07 -15.35 18.00
C ASN B 485 19.78 -14.41 16.85
N LYS B 486 19.58 -14.96 15.69
CA LYS B 486 19.25 -14.16 14.55
C LYS B 486 17.84 -13.59 14.63
N LEU B 487 16.92 -14.29 15.27
CA LEU B 487 15.56 -13.81 15.53
C LEU B 487 15.47 -12.98 16.81
N ASN B 488 16.60 -12.53 17.35
CA ASN B 488 16.60 -11.90 18.66
C ASN B 488 15.76 -10.63 18.69
N PHE B 489 15.79 -9.80 17.63
CA PHE B 489 15.01 -8.57 17.65
C PHE B 489 13.50 -8.86 17.70
N TYR B 490 13.09 -9.98 17.12
CA TYR B 490 11.68 -10.36 17.15
C TYR B 490 11.30 -10.97 18.48
N ILE B 491 12.12 -11.91 18.97
CA ILE B 491 11.86 -12.56 20.25
C ILE B 491 11.80 -11.52 21.37
N ASP B 492 12.71 -10.56 21.33
CA ASP B 492 12.78 -9.58 22.41
C ASP B 492 11.53 -8.72 22.47
N SER B 493 10.82 -8.57 21.35
CA SER B 493 9.59 -7.79 21.35
C SER B 493 8.47 -8.44 22.16
N PHE B 494 8.61 -9.72 22.53
CA PHE B 494 7.66 -10.40 23.40
C PHE B 494 8.05 -10.38 24.86
N ALA B 495 9.23 -9.84 25.21
CA ALA B 495 9.79 -9.98 26.54
C ALA B 495 9.27 -8.92 27.52
N TYR B 496 8.45 -7.98 27.05
CA TYR B 496 7.88 -6.96 27.93
C TYR B 496 6.36 -7.00 27.82
N SER B 497 5.82 -8.23 27.89
CA SER B 497 4.40 -8.58 27.72
C SER B 497 4.04 -8.71 26.25
N SER B 498 3.07 -9.58 25.98
CA SER B 498 2.52 -9.72 24.64
C SER B 498 1.02 -9.95 24.74
N TYR B 499 0.23 -9.17 24.00
CA TYR B 499 -1.20 -9.38 23.97
C TYR B 499 -1.53 -10.68 23.26
N PRO B 500 -2.63 -11.32 23.63
CA PRO B 500 -3.14 -12.41 22.79
C PRO B 500 -3.43 -11.86 21.41
N HIS B 501 -2.87 -12.51 20.38
CA HIS B 501 -3.04 -11.94 19.05
C HIS B 501 -2.99 -13.01 17.99
N SER B 502 -3.53 -12.66 16.83
CA SER B 502 -3.58 -13.54 15.67
C SER B 502 -3.35 -12.72 14.43
N GLY B 503 -3.13 -13.41 13.32
CA GLY B 503 -2.98 -12.66 12.09
C GLY B 503 -3.17 -13.55 10.88
N CYS B 504 -2.96 -12.94 9.71
CA CYS B 504 -3.10 -13.67 8.46
C CYS B 504 -2.36 -12.96 7.35
N GLY B 505 -2.04 -13.71 6.30
CA GLY B 505 -1.43 -13.17 5.11
C GLY B 505 -2.15 -13.70 3.89
N ILE B 506 -2.31 -12.83 2.89
CA ILE B 506 -3.24 -13.04 1.78
C ILE B 506 -2.50 -12.73 0.49
N GLY B 507 -2.66 -13.59 -0.52
CA GLY B 507 -2.05 -13.25 -1.79
C GLY B 507 -2.99 -12.45 -2.66
N LEU B 508 -2.68 -11.17 -2.91
CA LEU B 508 -3.57 -10.31 -3.69
C LEU B 508 -3.84 -10.88 -5.08
N GLU B 509 -2.78 -11.24 -5.79
CA GLU B 509 -2.96 -11.75 -7.15
C GLU B 509 -3.73 -13.06 -7.14
N ARG B 510 -3.47 -13.91 -6.15
CA ARG B 510 -4.18 -15.17 -6.05
C ARG B 510 -5.67 -14.93 -5.81
N VAL B 511 -6.02 -13.97 -4.96
CA VAL B 511 -7.43 -13.68 -4.72
C VAL B 511 -8.11 -13.27 -6.01
N LEU B 512 -7.46 -12.37 -6.78
CA LEU B 512 -8.08 -11.91 -8.02
C LEU B 512 -8.19 -13.05 -9.03
N MET B 513 -7.12 -13.83 -9.16
CA MET B 513 -7.10 -14.97 -10.09
C MET B 513 -8.24 -15.93 -9.79
N LEU B 514 -8.41 -16.27 -8.52
CA LEU B 514 -9.42 -17.26 -8.15
C LEU B 514 -10.83 -16.68 -8.18
N PHE B 515 -10.97 -15.38 -7.88
CA PHE B 515 -12.29 -14.77 -8.00
C PHE B 515 -12.77 -14.86 -9.44
N LEU B 516 -11.90 -14.52 -10.38
CA LEU B 516 -12.27 -14.55 -11.79
C LEU B 516 -12.13 -15.93 -12.44
N GLY B 517 -11.48 -16.88 -11.76
CA GLY B 517 -11.29 -18.20 -12.37
C GLY B 517 -10.24 -18.26 -13.46
N LEU B 518 -9.25 -17.38 -13.40
CA LEU B 518 -8.24 -17.32 -14.45
C LEU B 518 -7.26 -18.48 -14.29
N ASN B 519 -6.60 -18.85 -15.40
CA ASN B 519 -5.79 -20.06 -15.41
C ASN B 519 -4.36 -19.85 -14.91
N ASN B 520 -3.93 -18.61 -14.68
CA ASN B 520 -2.53 -18.38 -14.36
C ASN B 520 -2.39 -17.08 -13.59
N ILE B 521 -1.59 -17.11 -12.52
CA ILE B 521 -1.37 -15.93 -11.69
C ILE B 521 -0.66 -14.83 -12.47
N ARG B 522 0.01 -15.17 -13.57
CA ARG B 522 0.62 -14.11 -14.36
C ARG B 522 -0.42 -13.22 -15.04
N LYS B 523 -1.69 -13.63 -15.06
CA LYS B 523 -2.74 -12.75 -15.55
C LYS B 523 -3.15 -11.69 -14.54
N THR B 524 -2.80 -11.85 -13.26
CA THR B 524 -3.24 -10.89 -12.24
C THR B 524 -2.06 -10.19 -11.55
N SER B 525 -0.86 -10.26 -12.10
CA SER B 525 0.25 -9.46 -11.59
C SER B 525 0.75 -8.63 -12.78
N LEU B 526 0.94 -7.32 -12.58
CA LEU B 526 1.16 -6.43 -13.72
C LEU B 526 2.38 -6.83 -14.52
N PHE B 527 3.52 -6.98 -13.84
CA PHE B 527 4.79 -7.31 -14.47
C PHE B 527 5.35 -8.51 -13.72
N PRO B 528 4.94 -9.73 -14.10
CA PRO B 528 5.17 -10.89 -13.24
C PRO B 528 6.65 -11.21 -13.08
N ARG B 529 6.97 -11.78 -11.93
CA ARG B 529 8.30 -12.25 -11.59
C ARG B 529 8.23 -13.75 -11.33
N ASP B 530 9.02 -14.51 -12.06
CA ASP B 530 9.09 -15.93 -11.73
C ASP B 530 10.54 -16.37 -11.92
N PRO B 531 10.92 -17.64 -11.68
CA PRO B 531 12.35 -17.97 -11.66
C PRO B 531 13.07 -17.70 -12.97
N LYS B 532 12.35 -17.58 -14.09
CA LYS B 532 12.99 -17.24 -15.35
C LYS B 532 12.79 -15.78 -15.76
N ARG B 533 11.70 -15.15 -15.30
CA ARG B 533 11.32 -13.85 -15.82
C ARG B 533 11.64 -12.75 -14.83
N LEU B 534 12.64 -11.93 -15.17
CA LEU B 534 12.94 -10.69 -14.45
C LEU B 534 12.64 -9.46 -15.28
N ILE B 535 12.30 -9.63 -16.55
CA ILE B 535 12.09 -8.54 -17.51
C ILE B 535 10.74 -8.77 -18.18
N PRO B 536 9.89 -7.75 -18.37
CA PRO B 536 9.99 -6.34 -17.93
C PRO B 536 9.92 -6.24 -16.42
C DSZ C . 12.06 10.34 -8.07
N DSZ C . 11.05 9.03 -9.91
O DSZ C . 12.44 9.27 -7.60
N1 DSZ C . 14.96 8.68 1.94
C2 DSZ C . 13.72 9.15 2.11
N3 DSZ C . 12.95 9.80 1.23
C4 DSZ C . 13.57 9.98 0.07
C5 DSZ C . 14.85 9.55 -0.25
C6 DSZ C . 15.56 8.84 0.75
N6 DSZ C . 16.76 8.29 0.55
N7 DSZ C . 15.17 9.89 -1.55
C8 DSZ C . 14.09 10.50 -1.99
N9 DSZ C . 13.08 10.57 -1.06
CA DSZ C . 11.25 10.39 -9.35
CB DSZ C . 9.89 11.05 -9.08
CG DSZ C . 9.20 11.46 -10.36
C1' DSZ C . 11.76 11.15 -1.25
C2' DSZ C . 11.77 12.68 -1.35
O2' DSZ C . 10.64 13.21 -0.68
C3' DSZ C . 11.70 12.91 -2.86
O3' DSZ C . 11.12 14.18 -3.16
C4' DSZ C . 10.83 11.75 -3.32
O4' DSZ C . 11.21 10.66 -2.47
C5' DSZ C . 10.95 11.36 -4.78
O5' DSZ C . 12.33 10.94 -5.04
NAT DSZ C . 12.33 11.54 -7.50
OAX DSZ C . 14.34 10.91 -6.28
OAY DSZ C . 13.23 13.09 -5.85
SBE DSZ C . 13.16 11.70 -6.16
OD1 DSZ C . 7.98 11.01 -10.46
OD2 DSZ C . 9.71 12.17 -11.20
MG MG D . 16.05 17.98 -4.66
MG MG E . 14.86 14.96 -5.45
C DSZ F . 2.53 -16.55 5.51
N DSZ F . 3.22 -15.08 7.35
O DSZ F . 3.46 -16.07 4.87
N1 DSZ F . 3.13 -16.30 -5.03
C2 DSZ F . 1.94 -15.74 -4.84
N3 DSZ F . 1.17 -15.74 -3.74
C4 DSZ F . 1.76 -16.44 -2.76
C5 DSZ F . 2.98 -17.09 -2.81
C6 DSZ F . 3.69 -16.99 -4.02
N6 DSZ F . 4.92 -17.52 -4.21
N7 DSZ F . 3.27 -17.71 -1.60
C8 DSZ F . 2.23 -17.42 -0.85
N9 DSZ F . 1.28 -16.65 -1.48
CA DSZ F . 2.26 -16.13 6.93
CB DSZ F . 0.82 -15.61 7.07
CG DSZ F . 0.38 -15.49 8.52
C1' DSZ F . 0.04 -16.15 -0.92
C2' DSZ F . -1.01 -17.25 -0.67
O2' DSZ F . -2.29 -16.71 -0.93
C3' DSZ F . -0.83 -17.52 0.84
O3' DSZ F . -2.04 -18.01 1.41
C4' DSZ F . -0.49 -16.13 1.37
O4' DSZ F . 0.31 -15.53 0.34
C5' DSZ F . 0.24 -16.11 2.70
O5' DSZ F . 1.50 -16.84 2.52
NAT DSZ F . 1.70 -17.50 4.99
OAX DSZ F . 3.19 -18.35 3.22
OAY DSZ F . 0.82 -19.04 3.33
SBE DSZ F . 1.82 -18.06 3.50
OD1 DSZ F . -0.05 -14.30 8.83
OD2 DSZ F . 0.46 -16.40 9.30
MG MG G . -1.22 -24.34 2.16
MG MG H . 0.43 -21.49 2.78
#